data_7RRC
#
_entry.id   7RRC
#
_cell.length_a   84.950
_cell.length_b   91.339
_cell.length_c   129.223
_cell.angle_alpha   90.000
_cell.angle_beta   90.000
_cell.angle_gamma   90.000
#
_symmetry.space_group_name_H-M   'P 21 21 21'
#
loop_
_entity.id
_entity.type
_entity.pdbx_description
1 polymer 'Indoleamine 2,3-dioxygenase 1'
2 non-polymer N-(4-fluorophenyl)-3-{4-[4-(hydroxymethyl)-6-(trifluoromethyl)pyridin-3-yl]phenyl}oxetane-3-carboxamide
3 water water
#
_entity_poly.entity_id   1
_entity_poly.type   'polypeptide(L)'
_entity_poly.pdbx_seq_one_letter_code
;MISKEYHIDEEVGFALPNPQENLPDFYNDWMFIAKHLPDLIESGQLRERVEKLNMLSIDHLTDHKSQRLARLVLGCITMA
YVWGKGHGDVRKVLPRNIAVPYCQLSKKLELPPILVYADCVLANWKKKDPNKPLTYENMDVLFSFRDGDCSKGFFLVSLL
VEIAAASAIKVIPTVFKAMQMQERDTLLKALLEIASCLEKALQVFHQIHDHVNPKAFFSVLRIYLSGWKGNPQLSDGLVY
EGFWEDPKEFAGGSAGQSSVFQCFDVLLGIQQTAGGGHAAQFLQDMRRYMPPAHRNFLCSLESNPSVREFVLSKGDAGLR
EAYDACVKALVSLRSYHLQIVTKYILIPASQQPKENKTSEDPSKLEAKGTGGTDLMNFLKTVRSTTEKSLLKEG
;
_entity_poly.pdbx_strand_id   A,B
#
# COMPACT_ATOMS: atom_id res chain seq x y z
N MET A 1 -22.00 16.14 1.42
CA MET A 1 -21.61 15.26 0.27
C MET A 1 -20.10 14.99 0.25
N ILE A 2 -19.72 13.85 -0.33
CA ILE A 2 -18.33 13.50 -0.63
C ILE A 2 -17.83 14.41 -1.75
N SER A 3 -16.58 14.88 -1.65
CA SER A 3 -15.99 15.77 -2.66
C SER A 3 -15.95 15.15 -4.06
N LYS A 4 -16.23 15.97 -5.07
CA LYS A 4 -16.39 15.52 -6.48
C LYS A 4 -15.16 14.83 -7.04
N GLU A 5 -13.97 15.23 -6.56
CA GLU A 5 -12.69 14.62 -6.93
C GLU A 5 -12.57 13.12 -6.67
N TYR A 6 -13.37 12.58 -5.74
CA TYR A 6 -13.38 11.14 -5.44
C TYR A 6 -14.27 10.26 -6.34
N HIS A 7 -14.97 10.85 -7.31
CA HIS A 7 -15.79 10.09 -8.27
C HIS A 7 -16.67 9.02 -7.60
N ILE A 8 -17.42 9.45 -6.59
CA ILE A 8 -18.37 8.61 -5.88
C ILE A 8 -19.73 9.22 -6.15
N ASP A 9 -20.62 8.40 -6.67
CA ASP A 9 -21.99 8.82 -6.98
C ASP A 9 -22.94 8.56 -5.81
N GLU A 10 -23.89 9.47 -5.60
CA GLU A 10 -24.93 9.33 -4.55
C GLU A 10 -25.76 8.06 -4.69
N GLU A 11 -26.16 7.77 -5.92
CA GLU A 11 -27.00 6.62 -6.27
C GLU A 11 -26.23 5.31 -6.39
N VAL A 12 -25.16 5.32 -7.19
CA VAL A 12 -24.42 4.09 -7.56
C VAL A 12 -23.02 3.93 -6.92
N GLY A 13 -22.63 4.84 -6.04
CA GLY A 13 -21.42 4.69 -5.25
C GLY A 13 -20.15 4.71 -6.07
N PHE A 14 -19.32 3.69 -5.90
CA PHE A 14 -18.09 3.59 -6.72
C PHE A 14 -18.36 3.19 -8.18
N ALA A 15 -19.56 2.73 -8.51
CA ALA A 15 -19.88 2.38 -9.90
C ALA A 15 -19.90 3.62 -10.78
N LEU A 16 -19.55 3.44 -12.04
CA LEU A 16 -19.56 4.52 -13.01
C LEU A 16 -21.01 4.79 -13.40
N PRO A 17 -21.51 6.01 -13.12
CA PRO A 17 -22.92 6.32 -13.43
C PRO A 17 -23.18 6.32 -14.93
N ASN A 18 -24.29 5.73 -15.35
CA ASN A 18 -24.70 5.65 -16.76
C ASN A 18 -23.52 5.49 -17.74
N PRO A 19 -22.86 4.31 -17.72
CA PRO A 19 -21.64 4.15 -18.54
C PRO A 19 -21.89 4.34 -20.02
N GLN A 20 -20.88 4.83 -20.72
CA GLN A 20 -20.94 4.97 -22.16
C GLN A 20 -20.87 3.58 -22.80
N GLU A 21 -21.70 3.35 -23.81
CA GLU A 21 -21.81 2.08 -24.55
C GLU A 21 -21.09 2.06 -25.90
N ASN A 22 -21.10 3.20 -26.59
CA ASN A 22 -20.50 3.31 -27.92
C ASN A 22 -19.32 4.27 -27.90
N LEU A 23 -18.25 3.88 -28.57
CA LEU A 23 -17.06 4.71 -28.74
C LEU A 23 -17.27 5.54 -30.00
N PRO A 24 -16.37 6.49 -30.29
CA PRO A 24 -16.36 7.10 -31.62
C PRO A 24 -16.20 6.08 -32.73
N ASP A 25 -16.68 6.44 -33.92
CA ASP A 25 -16.55 5.64 -35.14
C ASP A 25 -15.11 5.23 -35.46
N PHE A 26 -14.16 6.12 -35.14
CA PHE A 26 -12.72 5.83 -35.23
C PHE A 26 -12.31 4.47 -34.60
N TYR A 27 -12.98 4.07 -33.51
CA TYR A 27 -12.69 2.81 -32.81
C TYR A 27 -13.66 1.64 -33.11
N ASN A 28 -14.31 1.66 -34.28
CA ASN A 28 -15.24 0.60 -34.70
C ASN A 28 -14.64 -0.81 -34.81
N ASP A 29 -13.35 -0.88 -35.13
CA ASP A 29 -12.64 -2.15 -35.25
C ASP A 29 -12.36 -2.78 -33.91
N TRP A 30 -12.10 -1.96 -32.88
CA TRP A 30 -12.06 -2.45 -31.50
C TRP A 30 -13.44 -2.93 -31.08
N MET A 31 -14.46 -2.07 -31.29
CA MET A 31 -15.82 -2.34 -30.84
C MET A 31 -16.43 -3.61 -31.45
N PHE A 32 -16.23 -3.82 -32.74
CA PHE A 32 -16.80 -5.00 -33.39
C PHE A 32 -16.33 -6.28 -32.70
N ILE A 33 -15.03 -6.39 -32.46
CA ILE A 33 -14.40 -7.58 -31.87
C ILE A 33 -14.92 -7.82 -30.46
N ALA A 34 -14.90 -6.77 -29.63
CA ALA A 34 -15.39 -6.82 -28.24
C ALA A 34 -16.86 -7.24 -28.12
N LYS A 35 -17.70 -6.70 -29.00
CA LYS A 35 -19.14 -7.06 -29.05
C LYS A 35 -19.42 -8.50 -29.54
N HIS A 36 -18.47 -9.13 -30.23
CA HIS A 36 -18.64 -10.48 -30.80
C HIS A 36 -17.68 -11.52 -30.24
N LEU A 37 -17.36 -11.39 -28.95
CA LEU A 37 -16.42 -12.31 -28.30
C LEU A 37 -16.91 -13.74 -28.28
N PRO A 38 -18.20 -13.97 -27.93
CA PRO A 38 -18.65 -15.35 -27.92
C PRO A 38 -18.37 -16.08 -29.24
N ASP A 39 -18.77 -15.48 -30.36
CA ASP A 39 -18.65 -16.11 -31.67
C ASP A 39 -17.20 -16.18 -32.16
N LEU A 40 -16.45 -15.10 -32.00
CA LEU A 40 -15.06 -15.02 -32.47
C LEU A 40 -14.10 -15.96 -31.72
N ILE A 41 -14.32 -16.11 -30.40
CA ILE A 41 -13.54 -17.05 -29.59
C ILE A 41 -13.87 -18.49 -29.98
N GLU A 42 -15.16 -18.83 -29.93
CA GLU A 42 -15.67 -20.14 -30.36
C GLU A 42 -15.08 -20.60 -31.72
N SER A 43 -15.14 -19.71 -32.71
CA SER A 43 -14.69 -20.03 -34.07
C SER A 43 -13.17 -19.95 -34.28
N GLY A 44 -12.41 -19.60 -33.24
CA GLY A 44 -10.95 -19.52 -33.33
C GLY A 44 -10.40 -18.48 -34.30
N GLN A 45 -11.13 -17.38 -34.46
CA GLN A 45 -10.63 -16.25 -35.26
C GLN A 45 -10.53 -14.92 -34.51
N LEU A 46 -10.75 -14.91 -33.20
CA LEU A 46 -10.51 -13.73 -32.40
C LEU A 46 -9.06 -13.25 -32.55
N ARG A 47 -8.12 -14.20 -32.34
CA ARG A 47 -6.68 -13.90 -32.31
C ARG A 47 -6.16 -13.30 -33.61
N GLU A 48 -6.52 -13.89 -34.74
CA GLU A 48 -6.10 -13.36 -36.04
C GLU A 48 -6.71 -11.98 -36.27
N ARG A 49 -7.98 -11.81 -35.87
CA ARG A 49 -8.68 -10.55 -36.03
C ARG A 49 -8.03 -9.42 -35.20
N VAL A 50 -7.60 -9.74 -33.98
CA VAL A 50 -6.77 -8.80 -33.19
C VAL A 50 -5.43 -8.49 -33.89
N GLU A 51 -4.77 -9.55 -34.37
CA GLU A 51 -3.50 -9.45 -35.10
C GLU A 51 -3.58 -8.65 -36.41
N LYS A 52 -4.77 -8.61 -37.03
CA LYS A 52 -5.02 -7.79 -38.24
C LYS A 52 -5.27 -6.29 -37.98
N LEU A 53 -5.54 -5.91 -36.73
CA LEU A 53 -5.80 -4.50 -36.39
C LEU A 53 -4.63 -3.57 -36.75
N ASN A 54 -4.95 -2.34 -37.14
CA ASN A 54 -3.98 -1.25 -37.16
C ASN A 54 -3.90 -0.62 -35.77
N MET A 55 -2.78 0.01 -35.47
CA MET A 55 -2.57 0.68 -34.19
C MET A 55 -3.35 1.99 -34.17
N LEU A 56 -4.38 2.08 -33.33
CA LEU A 56 -5.22 3.27 -33.22
C LEU A 56 -4.77 4.16 -32.08
N SER A 57 -4.59 5.44 -32.38
CA SER A 57 -4.24 6.43 -31.38
C SER A 57 -5.35 6.54 -30.31
N ILE A 58 -4.95 6.73 -29.06
CA ILE A 58 -5.90 6.96 -27.97
C ILE A 58 -6.37 8.42 -27.85
N ASP A 59 -5.82 9.31 -28.68
CA ASP A 59 -6.13 10.76 -28.65
C ASP A 59 -7.60 11.12 -28.88
N HIS A 60 -8.33 10.27 -29.61
CA HIS A 60 -9.75 10.54 -29.90
C HIS A 60 -10.73 10.10 -28.80
N LEU A 61 -10.21 9.52 -27.72
CA LEU A 61 -10.97 9.22 -26.51
C LEU A 61 -10.85 10.42 -25.56
N THR A 62 -11.82 11.33 -25.65
CA THR A 62 -11.70 12.68 -25.06
C THR A 62 -12.12 12.75 -23.59
N ASP A 63 -13.30 12.23 -23.29
CA ASP A 63 -13.90 12.28 -21.94
C ASP A 63 -13.64 10.99 -21.12
N HIS A 64 -13.91 11.07 -19.83
CA HIS A 64 -13.59 9.98 -18.89
C HIS A 64 -14.38 8.69 -19.19
N LYS A 65 -15.68 8.83 -19.47
CA LYS A 65 -16.56 7.70 -19.81
C LYS A 65 -16.15 6.96 -21.08
N SER A 66 -15.71 7.71 -22.10
CA SER A 66 -15.20 7.10 -23.33
C SER A 66 -13.88 6.39 -23.08
N GLN A 67 -13.03 6.99 -22.24
CA GLN A 67 -11.76 6.39 -21.87
C GLN A 67 -11.96 5.09 -21.08
N ARG A 68 -12.94 5.09 -20.18
CA ARG A 68 -13.28 3.88 -19.42
C ARG A 68 -13.91 2.76 -20.27
N LEU A 69 -14.77 3.14 -21.21
CA LEU A 69 -15.33 2.15 -22.13
C LEU A 69 -14.23 1.50 -22.97
N ALA A 70 -13.29 2.30 -23.47
CA ALA A 70 -12.13 1.80 -24.22
C ALA A 70 -11.27 0.84 -23.41
N ARG A 71 -11.09 1.13 -22.12
CA ARG A 71 -10.41 0.21 -21.21
C ARG A 71 -11.15 -1.12 -21.11
N LEU A 72 -12.47 -1.04 -20.99
CA LEU A 72 -13.32 -2.20 -20.90
C LEU A 72 -13.26 -3.03 -22.19
N VAL A 73 -13.27 -2.33 -23.32
CA VAL A 73 -13.17 -2.97 -24.64
C VAL A 73 -11.81 -3.66 -24.80
N LEU A 74 -10.74 -2.90 -24.59
CA LEU A 74 -9.40 -3.43 -24.75
C LEU A 74 -9.05 -4.53 -23.76
N GLY A 75 -9.59 -4.41 -22.54
CA GLY A 75 -9.36 -5.39 -21.50
C GLY A 75 -10.01 -6.73 -21.81
N CYS A 76 -11.26 -6.70 -22.23
CA CYS A 76 -11.97 -7.93 -22.60
C CYS A 76 -11.29 -8.61 -23.78
N ILE A 77 -10.88 -7.82 -24.78
CA ILE A 77 -10.19 -8.37 -25.94
C ILE A 77 -8.88 -8.99 -25.49
N THR A 78 -8.17 -8.33 -24.58
CA THR A 78 -6.90 -8.82 -24.09
C THR A 78 -7.04 -10.18 -23.41
N MET A 79 -8.01 -10.31 -22.51
N MET A 79 -8.01 -10.30 -22.50
CA MET A 79 -8.26 -11.60 -21.83
CA MET A 79 -8.30 -11.58 -21.83
C MET A 79 -8.63 -12.70 -22.83
C MET A 79 -8.61 -12.69 -22.84
N ALA A 80 -9.46 -12.36 -23.80
CA ALA A 80 -9.83 -13.28 -24.91
C ALA A 80 -8.61 -13.71 -25.73
N TYR A 81 -7.76 -12.76 -26.05
CA TYR A 81 -6.55 -13.02 -26.83
C TYR A 81 -5.59 -13.93 -26.04
N VAL A 82 -5.31 -13.55 -24.79
CA VAL A 82 -4.40 -14.30 -23.94
C VAL A 82 -4.91 -15.73 -23.70
N TRP A 83 -6.15 -15.87 -23.25
CA TRP A 83 -6.70 -17.18 -22.85
C TRP A 83 -7.34 -17.98 -23.96
N GLY A 84 -7.65 -17.34 -25.09
CA GLY A 84 -8.28 -18.03 -26.22
C GLY A 84 -9.60 -18.65 -25.83
N LYS A 85 -9.78 -19.94 -26.18
CA LYS A 85 -10.99 -20.70 -25.83
C LYS A 85 -11.06 -21.15 -24.36
N GLY A 86 -10.03 -20.86 -23.57
CA GLY A 86 -10.04 -21.18 -22.14
C GLY A 86 -9.70 -22.62 -21.83
N HIS A 87 -8.90 -23.26 -22.69
CA HIS A 87 -8.55 -24.67 -22.58
C HIS A 87 -7.07 -24.91 -22.32
N GLY A 88 -6.35 -23.85 -21.94
CA GLY A 88 -4.91 -23.93 -21.67
C GLY A 88 -3.95 -23.51 -22.77
N ASP A 89 -4.42 -23.35 -24.01
N ASP A 89 -4.44 -23.28 -23.99
CA ASP A 89 -3.56 -22.82 -25.08
CA ASP A 89 -3.62 -22.83 -25.12
C ASP A 89 -3.50 -21.30 -25.02
C ASP A 89 -3.49 -21.30 -25.10
N VAL A 90 -2.37 -20.81 -24.54
CA VAL A 90 -2.19 -19.40 -24.17
C VAL A 90 -1.24 -18.65 -25.10
N ARG A 91 -1.52 -17.36 -25.31
CA ARG A 91 -0.58 -16.41 -25.93
C ARG A 91 0.22 -15.71 -24.84
N LYS A 92 1.55 -15.71 -24.99
CA LYS A 92 2.47 -15.05 -24.06
C LYS A 92 2.90 -13.65 -24.52
N VAL A 93 2.46 -13.25 -25.72
CA VAL A 93 2.81 -11.96 -26.31
C VAL A 93 1.53 -11.29 -26.79
N LEU A 94 1.25 -10.08 -26.30
CA LEU A 94 0.12 -9.28 -26.75
C LEU A 94 0.63 -8.38 -27.89
N PRO A 95 -0.03 -8.40 -29.07
CA PRO A 95 0.54 -7.69 -30.22
C PRO A 95 0.59 -6.17 -30.06
N ARG A 96 1.54 -5.57 -30.76
CA ARG A 96 1.85 -4.13 -30.72
C ARG A 96 0.62 -3.25 -30.91
N ASN A 97 -0.14 -3.55 -31.97
CA ASN A 97 -1.31 -2.76 -32.42
C ASN A 97 -2.37 -2.52 -31.34
N ILE A 98 -2.54 -3.52 -30.48
CA ILE A 98 -3.45 -3.47 -29.34
C ILE A 98 -2.73 -3.10 -28.03
N ALA A 99 -1.53 -3.62 -27.80
CA ALA A 99 -0.80 -3.47 -26.56
C ALA A 99 -0.36 -2.02 -26.28
N VAL A 100 0.14 -1.37 -27.31
CA VAL A 100 0.60 0.01 -27.19
C VAL A 100 -0.55 0.95 -26.74
N PRO A 101 -1.68 0.98 -27.48
CA PRO A 101 -2.77 1.87 -27.05
C PRO A 101 -3.42 1.50 -25.71
N TYR A 102 -3.53 0.21 -25.43
CA TYR A 102 -4.03 -0.26 -24.13
C TYR A 102 -3.15 0.22 -22.96
N CYS A 103 -1.83 0.04 -23.10
CA CYS A 103 -0.89 0.52 -22.09
C CYS A 103 -0.84 2.04 -21.96
N GLN A 104 -0.98 2.72 -23.09
CA GLN A 104 -1.05 4.19 -23.13
C GLN A 104 -2.27 4.69 -22.37
N LEU A 105 -3.42 4.09 -22.67
CA LEU A 105 -4.69 4.41 -22.00
C LEU A 105 -4.68 4.08 -20.49
N SER A 106 -4.18 2.89 -20.20
CA SER A 106 -3.95 2.44 -18.83
C SER A 106 -3.03 3.42 -18.04
N LYS A 107 -1.94 3.87 -18.66
CA LYS A 107 -1.07 4.87 -18.01
C LYS A 107 -1.80 6.19 -17.75
N LYS A 108 -2.56 6.65 -18.75
CA LYS A 108 -3.42 7.84 -18.64
C LYS A 108 -4.45 7.74 -17.50
N LEU A 109 -5.18 6.63 -17.42
CA LEU A 109 -6.19 6.44 -16.35
C LEU A 109 -5.62 5.98 -15.00
N GLU A 110 -4.30 5.73 -14.95
CA GLU A 110 -3.58 5.26 -13.75
C GLU A 110 -4.12 3.91 -13.26
N LEU A 111 -4.27 3.00 -14.23
CA LEU A 111 -4.67 1.62 -13.98
C LEU A 111 -3.69 0.71 -14.69
N PRO A 112 -3.49 -0.53 -14.19
CA PRO A 112 -2.58 -1.42 -14.88
C PRO A 112 -3.23 -2.01 -16.17
N PRO A 113 -2.41 -2.40 -17.15
CA PRO A 113 -2.94 -2.92 -18.43
C PRO A 113 -3.48 -4.37 -18.32
N ILE A 114 -4.56 -4.52 -17.56
CA ILE A 114 -5.32 -5.75 -17.48
C ILE A 114 -6.76 -5.39 -17.10
N LEU A 115 -7.70 -6.26 -17.45
CA LEU A 115 -9.09 -6.15 -17.04
C LEU A 115 -9.20 -6.20 -15.50
N VAL A 116 -9.75 -5.15 -14.91
CA VAL A 116 -10.00 -5.08 -13.47
C VAL A 116 -11.50 -5.03 -13.18
N TYR A 117 -11.80 -5.17 -11.90
CA TYR A 117 -13.17 -5.04 -11.40
C TYR A 117 -13.82 -3.74 -11.85
N ALA A 118 -13.10 -2.64 -11.72
CA ALA A 118 -13.60 -1.34 -12.16
C ALA A 118 -14.01 -1.29 -13.66
N ASP A 119 -13.41 -2.13 -14.50
CA ASP A 119 -13.80 -2.26 -15.90
C ASP A 119 -15.05 -3.13 -16.00
N CYS A 120 -14.92 -4.40 -15.59
CA CYS A 120 -15.92 -5.43 -15.90
C CYS A 120 -17.17 -5.44 -15.04
N VAL A 121 -17.13 -4.71 -13.93
CA VAL A 121 -18.32 -4.52 -13.08
C VAL A 121 -18.77 -3.06 -13.15
N LEU A 122 -17.91 -2.16 -12.72
CA LEU A 122 -18.31 -0.79 -12.47
C LEU A 122 -18.66 -0.02 -13.77
N ALA A 123 -17.98 -0.35 -14.87
CA ALA A 123 -18.18 0.31 -16.16
C ALA A 123 -18.89 -0.56 -17.21
N ASN A 124 -19.26 -1.79 -16.85
CA ASN A 124 -19.78 -2.79 -17.78
C ASN A 124 -21.28 -2.99 -17.55
N TRP A 125 -22.03 -1.91 -17.63
CA TRP A 125 -23.48 -2.02 -17.42
C TRP A 125 -24.33 -0.94 -18.06
N LYS A 126 -25.61 -1.23 -18.17
CA LYS A 126 -26.62 -0.29 -18.64
C LYS A 126 -27.99 -0.66 -18.09
N LYS A 127 -28.87 0.34 -18.01
CA LYS A 127 -30.29 0.09 -17.82
C LYS A 127 -30.89 -0.27 -19.18
N LYS A 128 -31.79 -1.25 -19.19
CA LYS A 128 -32.61 -1.52 -20.38
C LYS A 128 -33.54 -0.35 -20.63
N ASP A 129 -34.34 -0.02 -19.63
CA ASP A 129 -35.21 1.15 -19.63
C ASP A 129 -34.65 2.18 -18.65
N PRO A 130 -34.18 3.35 -19.14
CA PRO A 130 -33.67 4.39 -18.23
C PRO A 130 -34.69 5.02 -17.26
N ASN A 131 -35.98 4.91 -17.55
CA ASN A 131 -37.04 5.38 -16.64
C ASN A 131 -37.38 4.45 -15.47
N LYS A 132 -36.93 3.19 -15.57
CA LYS A 132 -37.18 2.17 -14.55
C LYS A 132 -35.97 2.02 -13.61
N PRO A 133 -36.18 1.47 -12.39
CA PRO A 133 -35.11 1.51 -11.40
C PRO A 133 -33.96 0.52 -11.63
N LEU A 134 -32.97 0.61 -10.76
CA LEU A 134 -31.76 -0.21 -10.84
C LEU A 134 -32.00 -1.60 -10.22
N THR A 135 -32.70 -2.45 -10.94
CA THR A 135 -32.90 -3.86 -10.57
C THR A 135 -32.34 -4.76 -11.65
N TYR A 136 -32.14 -6.02 -11.29
CA TYR A 136 -31.54 -7.01 -12.20
C TYR A 136 -32.30 -7.13 -13.51
N GLU A 137 -33.62 -7.20 -13.42
CA GLU A 137 -34.50 -7.36 -14.60
C GLU A 137 -34.48 -6.16 -15.56
N ASN A 138 -34.19 -4.96 -15.03
CA ASN A 138 -34.04 -3.76 -15.87
C ASN A 138 -32.58 -3.43 -16.22
N MET A 139 -31.69 -4.42 -16.17
CA MET A 139 -30.27 -4.16 -16.40
C MET A 139 -29.62 -5.22 -17.27
N ASP A 140 -28.53 -4.86 -17.94
N ASP A 140 -28.50 -4.82 -17.88
CA ASP A 140 -27.62 -5.86 -18.49
CA ASP A 140 -27.64 -5.73 -18.65
C ASP A 140 -26.22 -5.31 -18.71
C ASP A 140 -26.18 -5.29 -18.62
N VAL A 141 -25.28 -6.24 -18.88
CA VAL A 141 -23.87 -5.93 -19.12
C VAL A 141 -23.64 -5.43 -20.55
N LEU A 142 -22.48 -4.82 -20.77
CA LEU A 142 -22.09 -4.37 -22.11
C LEU A 142 -21.33 -5.45 -22.86
N PHE A 143 -20.49 -6.22 -22.16
CA PHE A 143 -19.68 -7.26 -22.78
C PHE A 143 -19.64 -8.55 -21.96
N SER A 144 -19.60 -9.67 -22.68
CA SER A 144 -19.43 -11.03 -22.15
C SER A 144 -18.29 -11.70 -22.90
N PHE A 145 -17.87 -12.88 -22.45
CA PHE A 145 -16.78 -13.63 -23.11
C PHE A 145 -17.32 -14.74 -23.99
N ARG A 146 -18.09 -15.63 -23.36
CA ARG A 146 -18.64 -16.82 -23.99
C ARG A 146 -20.12 -16.97 -23.67
N ASP A 147 -20.86 -17.58 -24.60
CA ASP A 147 -22.25 -17.94 -24.36
C ASP A 147 -22.31 -18.89 -23.18
N GLY A 148 -23.26 -18.66 -22.28
CA GLY A 148 -23.40 -19.49 -21.09
C GLY A 148 -22.31 -19.26 -20.04
N ASP A 149 -21.60 -18.13 -20.09
CA ASP A 149 -20.51 -17.88 -19.13
C ASP A 149 -21.01 -17.26 -17.82
N CYS A 150 -22.28 -16.88 -17.80
CA CYS A 150 -22.91 -16.26 -16.65
C CYS A 150 -22.27 -14.91 -16.27
N SER A 151 -21.71 -14.21 -17.26
CA SER A 151 -21.10 -12.90 -17.00
C SER A 151 -22.13 -11.88 -16.58
N LYS A 152 -23.33 -11.97 -17.14
CA LYS A 152 -24.39 -11.04 -16.74
C LYS A 152 -24.67 -11.14 -15.24
N GLY A 153 -24.95 -12.35 -14.77
CA GLY A 153 -25.30 -12.58 -13.36
C GLY A 153 -24.16 -12.24 -12.41
N PHE A 154 -22.94 -12.57 -12.82
CA PHE A 154 -21.78 -12.40 -11.97
C PHE A 154 -21.40 -10.95 -11.89
N PHE A 155 -21.33 -10.28 -13.03
CA PHE A 155 -21.00 -8.85 -13.05
C PHE A 155 -22.11 -8.01 -12.44
N LEU A 156 -23.36 -8.23 -12.84
CA LEU A 156 -24.46 -7.38 -12.34
C LEU A 156 -24.79 -7.56 -10.87
N VAL A 157 -24.72 -8.79 -10.35
CA VAL A 157 -24.94 -8.95 -8.91
C VAL A 157 -23.81 -8.28 -8.11
N SER A 158 -22.57 -8.41 -8.55
CA SER A 158 -21.49 -7.63 -7.98
C SER A 158 -21.83 -6.14 -8.01
N LEU A 159 -22.29 -5.68 -9.17
CA LEU A 159 -22.68 -4.28 -9.31
C LEU A 159 -23.81 -3.88 -8.36
N LEU A 160 -24.79 -4.75 -8.20
CA LEU A 160 -25.94 -4.44 -7.33
C LEU A 160 -25.51 -4.34 -5.86
N VAL A 161 -24.58 -5.20 -5.42
CA VAL A 161 -24.05 -5.11 -4.05
C VAL A 161 -23.34 -3.77 -3.88
N GLU A 162 -22.57 -3.44 -4.89
CA GLU A 162 -21.84 -2.18 -5.00
C GLU A 162 -22.79 -0.96 -4.90
N ILE A 163 -23.96 -1.05 -5.55
CA ILE A 163 -24.98 0.01 -5.52
C ILE A 163 -25.68 0.06 -4.15
N ALA A 164 -26.02 -1.09 -3.58
CA ALA A 164 -26.55 -1.16 -2.22
C ALA A 164 -25.60 -0.51 -1.20
N ALA A 165 -24.30 -0.70 -1.41
CA ALA A 165 -23.26 -0.10 -0.58
C ALA A 165 -23.23 1.42 -0.62
N ALA A 166 -23.69 2.00 -1.73
CA ALA A 166 -23.71 3.47 -1.93
C ALA A 166 -24.52 4.22 -0.89
N SER A 167 -25.62 3.62 -0.44
CA SER A 167 -26.39 4.17 0.69
C SER A 167 -25.58 4.35 1.99
N ALA A 168 -24.66 3.42 2.25
CA ALA A 168 -23.73 3.51 3.39
C ALA A 168 -22.61 4.51 3.15
N ILE A 169 -22.06 4.49 1.93
CA ILE A 169 -20.92 5.35 1.56
C ILE A 169 -21.23 6.82 1.77
N LYS A 170 -22.42 7.26 1.36
CA LYS A 170 -22.82 8.67 1.48
C LYS A 170 -22.95 9.18 2.93
N VAL A 171 -23.08 8.26 3.90
CA VAL A 171 -23.09 8.58 5.32
C VAL A 171 -21.70 8.88 5.89
N ILE A 172 -20.65 8.43 5.21
CA ILE A 172 -19.27 8.53 5.72
C ILE A 172 -18.89 9.93 6.18
N PRO A 173 -19.18 10.98 5.38
CA PRO A 173 -18.92 12.36 5.83
C PRO A 173 -19.64 12.76 7.12
N THR A 174 -20.86 12.24 7.31
CA THR A 174 -21.62 12.48 8.55
C THR A 174 -20.91 11.88 9.77
N VAL A 175 -20.27 10.72 9.59
CA VAL A 175 -19.46 10.09 10.66
C VAL A 175 -18.33 11.03 11.10
N PHE A 176 -17.50 11.46 10.16
CA PHE A 176 -16.33 12.29 10.49
C PHE A 176 -16.68 13.69 10.96
N LYS A 177 -17.70 14.30 10.34
CA LYS A 177 -18.25 15.56 10.82
C LYS A 177 -18.75 15.41 12.27
N ALA A 178 -19.53 14.36 12.54
CA ALA A 178 -20.04 14.10 13.90
C ALA A 178 -18.94 13.96 14.97
N MET A 179 -17.83 13.31 14.61
CA MET A 179 -16.71 13.13 15.54
C MET A 179 -15.98 14.42 15.86
N GLN A 180 -15.61 15.18 14.83
CA GLN A 180 -14.88 16.44 15.04
C GLN A 180 -15.73 17.48 15.78
N MET A 181 -17.03 17.51 15.49
CA MET A 181 -17.98 18.42 16.13
C MET A 181 -18.51 17.88 17.45
N GLN A 182 -18.18 16.64 17.80
CA GLN A 182 -18.60 15.99 19.06
C GLN A 182 -20.12 15.92 19.13
N GLU A 183 -20.70 15.23 18.16
CA GLU A 183 -22.15 15.05 18.07
C GLU A 183 -22.45 13.56 18.19
N ARG A 184 -22.55 13.11 19.44
CA ARG A 184 -22.68 11.70 19.80
C ARG A 184 -23.96 11.07 19.25
N ASP A 185 -25.09 11.77 19.38
CA ASP A 185 -26.38 11.27 18.85
C ASP A 185 -26.35 11.14 17.32
N THR A 186 -25.80 12.16 16.66
CA THR A 186 -25.61 12.13 15.21
C THR A 186 -24.71 10.99 14.77
N LEU A 187 -23.58 10.82 15.47
CA LEU A 187 -22.67 9.70 15.17
C LEU A 187 -23.34 8.34 15.35
N LEU A 188 -24.10 8.19 16.43
CA LEU A 188 -24.80 6.92 16.70
C LEU A 188 -25.76 6.58 15.57
N LYS A 189 -26.53 7.57 15.14
CA LYS A 189 -27.50 7.45 14.05
C LYS A 189 -26.80 7.09 12.72
N ALA A 190 -25.69 7.76 12.45
CA ALA A 190 -24.93 7.48 11.23
C ALA A 190 -24.42 6.04 11.18
N LEU A 191 -23.90 5.54 12.31
CA LEU A 191 -23.43 4.16 12.37
C LEU A 191 -24.54 3.13 12.21
N LEU A 192 -25.68 3.39 12.84
CA LEU A 192 -26.83 2.53 12.65
C LEU A 192 -27.31 2.52 11.21
N GLU A 193 -27.26 3.68 10.55
CA GLU A 193 -27.62 3.77 9.14
C GLU A 193 -26.65 2.97 8.24
N ILE A 194 -25.37 3.01 8.55
CA ILE A 194 -24.39 2.20 7.84
C ILE A 194 -24.65 0.71 8.04
N ALA A 195 -24.90 0.29 9.29
CA ALA A 195 -25.22 -1.10 9.56
C ALA A 195 -26.40 -1.58 8.70
N SER A 196 -27.46 -0.76 8.67
CA SER A 196 -28.70 -1.05 7.93
C SER A 196 -28.42 -1.33 6.44
N CYS A 197 -27.69 -0.43 5.81
CA CYS A 197 -27.33 -0.52 4.40
C CYS A 197 -26.44 -1.71 4.07
N LEU A 198 -25.49 -2.02 4.96
CA LEU A 198 -24.69 -3.21 4.81
C LEU A 198 -25.49 -4.50 5.00
N GLU A 199 -26.48 -4.48 5.90
CA GLU A 199 -27.44 -5.62 5.99
C GLU A 199 -28.24 -5.77 4.69
N LYS A 200 -28.70 -4.66 4.10
CA LYS A 200 -29.43 -4.70 2.81
C LYS A 200 -28.52 -5.25 1.71
N ALA A 201 -27.26 -4.80 1.70
CA ALA A 201 -26.27 -5.24 0.71
C ALA A 201 -26.10 -6.76 0.71
N LEU A 202 -26.18 -7.38 1.89
CA LEU A 202 -26.06 -8.84 2.03
C LEU A 202 -27.25 -9.53 1.39
N GLN A 203 -28.46 -9.02 1.59
CA GLN A 203 -29.67 -9.56 0.94
C GLN A 203 -29.59 -9.45 -0.59
N VAL A 204 -29.02 -8.36 -1.08
CA VAL A 204 -28.79 -8.16 -2.51
C VAL A 204 -27.83 -9.21 -3.03
N PHE A 205 -26.78 -9.46 -2.25
CA PHE A 205 -25.75 -10.49 -2.54
C PHE A 205 -26.37 -11.89 -2.80
N HIS A 206 -27.48 -12.21 -2.14
CA HIS A 206 -28.15 -13.53 -2.30
C HIS A 206 -28.60 -13.85 -3.74
N GLN A 207 -28.81 -12.82 -4.54
CA GLN A 207 -29.18 -12.99 -5.95
C GLN A 207 -28.16 -13.71 -6.84
N ILE A 208 -26.89 -13.78 -6.42
CA ILE A 208 -25.85 -14.55 -7.13
C ILE A 208 -26.31 -15.95 -7.49
N HIS A 209 -27.01 -16.61 -6.57
CA HIS A 209 -27.45 -18.00 -6.76
C HIS A 209 -28.48 -18.13 -7.89
N ASP A 210 -29.30 -17.10 -8.08
CA ASP A 210 -30.36 -17.09 -9.10
C ASP A 210 -29.81 -16.98 -10.50
N HIS A 211 -28.69 -16.28 -10.65
CA HIS A 211 -28.21 -15.92 -11.98
C HIS A 211 -26.87 -16.53 -12.37
N VAL A 212 -26.25 -17.31 -11.49
CA VAL A 212 -24.94 -17.90 -11.77
C VAL A 212 -24.94 -19.39 -11.40
N ASN A 213 -24.42 -20.18 -12.33
CA ASN A 213 -24.32 -21.63 -12.21
C ASN A 213 -22.83 -21.97 -11.91
N PRO A 214 -22.57 -22.86 -10.92
CA PRO A 214 -21.20 -23.22 -10.52
C PRO A 214 -20.27 -23.68 -11.65
N LYS A 215 -20.72 -24.65 -12.42
CA LYS A 215 -19.91 -25.25 -13.49
C LYS A 215 -19.47 -24.17 -14.47
N ALA A 216 -20.42 -23.38 -14.95
CA ALA A 216 -20.16 -22.32 -15.92
C ALA A 216 -19.22 -21.27 -15.34
N PHE A 217 -19.41 -20.91 -14.07
CA PHE A 217 -18.50 -19.94 -13.46
C PHE A 217 -17.05 -20.46 -13.40
N PHE A 218 -16.89 -21.65 -12.83
CA PHE A 218 -15.56 -22.22 -12.59
C PHE A 218 -14.82 -22.55 -13.87
N SER A 219 -15.53 -23.13 -14.82
CA SER A 219 -14.88 -23.69 -16.01
C SER A 219 -14.74 -22.67 -17.13
N VAL A 220 -15.48 -21.54 -17.07
CA VAL A 220 -15.48 -20.55 -18.16
C VAL A 220 -15.14 -19.16 -17.64
N LEU A 221 -16.06 -18.53 -16.92
CA LEU A 221 -15.86 -17.14 -16.52
C LEU A 221 -14.57 -16.90 -15.75
N ARG A 222 -14.31 -17.77 -14.78
CA ARG A 222 -13.13 -17.69 -13.91
C ARG A 222 -11.83 -17.67 -14.72
N ILE A 223 -11.82 -18.43 -15.83
CA ILE A 223 -10.67 -18.50 -16.72
C ILE A 223 -10.41 -17.13 -17.38
N TYR A 224 -11.48 -16.48 -17.86
CA TYR A 224 -11.32 -15.19 -18.54
C TYR A 224 -10.94 -14.04 -17.58
N LEU A 225 -11.32 -14.17 -16.32
CA LEU A 225 -10.91 -13.21 -15.28
C LEU A 225 -9.50 -13.42 -14.70
N SER A 226 -8.88 -14.56 -15.00
CA SER A 226 -7.51 -14.86 -14.51
C SER A 226 -6.44 -13.96 -15.12
N GLY A 227 -5.42 -13.72 -14.30
CA GLY A 227 -4.32 -12.84 -14.65
C GLY A 227 -3.06 -13.64 -14.82
N TRP A 228 -1.96 -12.90 -14.83
CA TRP A 228 -0.64 -13.48 -15.05
C TRP A 228 0.29 -12.89 -13.99
N LYS A 229 -0.01 -13.21 -12.74
CA LYS A 229 0.85 -12.93 -11.60
C LYS A 229 0.84 -14.17 -10.71
N GLY A 230 1.98 -14.85 -10.61
CA GLY A 230 2.06 -16.15 -9.94
C GLY A 230 1.27 -17.27 -10.61
N ASN A 231 1.07 -17.14 -11.93
CA ASN A 231 0.30 -18.08 -12.74
C ASN A 231 1.28 -18.95 -13.53
N PRO A 232 1.29 -20.28 -13.28
CA PRO A 232 2.24 -21.16 -13.99
C PRO A 232 2.10 -21.21 -15.51
N GLN A 233 0.92 -20.87 -16.01
CA GLN A 233 0.64 -20.77 -17.45
C GLN A 233 1.42 -19.64 -18.16
N LEU A 234 1.53 -18.48 -17.51
CA LEU A 234 2.41 -17.39 -17.96
C LEU A 234 3.38 -17.03 -16.84
N SER A 235 4.40 -17.86 -16.69
CA SER A 235 5.30 -17.85 -15.54
C SER A 235 6.01 -16.51 -15.32
N ASP A 236 6.44 -15.87 -16.40
CA ASP A 236 7.15 -14.56 -16.34
C ASP A 236 6.25 -13.34 -16.61
N GLY A 237 4.94 -13.57 -16.69
CA GLY A 237 3.98 -12.53 -17.06
C GLY A 237 3.73 -12.51 -18.55
N LEU A 238 3.27 -11.37 -19.04
CA LEU A 238 2.85 -11.18 -20.44
C LEU A 238 3.69 -10.09 -21.08
N VAL A 239 4.16 -10.34 -22.29
CA VAL A 239 4.86 -9.33 -23.06
C VAL A 239 3.81 -8.41 -23.66
N TYR A 240 3.93 -7.12 -23.35
CA TYR A 240 3.15 -6.07 -24.02
C TYR A 240 4.04 -5.51 -25.13
N GLU A 241 3.87 -6.05 -26.33
CA GLU A 241 4.69 -5.71 -27.48
C GLU A 241 4.64 -4.21 -27.79
N GLY A 242 5.82 -3.60 -27.90
CA GLY A 242 5.93 -2.18 -28.24
C GLY A 242 5.94 -1.19 -27.09
N PHE A 243 5.56 -1.64 -25.89
CA PHE A 243 5.53 -0.78 -24.71
C PHE A 243 6.68 -1.11 -23.75
N TRP A 244 6.79 -2.38 -23.38
CA TRP A 244 7.91 -2.90 -22.58
C TRP A 244 8.54 -4.08 -23.30
N GLU A 245 9.87 -4.16 -23.23
CA GLU A 245 10.62 -5.27 -23.81
C GLU A 245 10.40 -6.57 -23.00
N ASP A 246 10.45 -6.44 -21.68
CA ASP A 246 10.33 -7.58 -20.75
C ASP A 246 8.88 -7.85 -20.35
N PRO A 247 8.52 -9.14 -20.13
CA PRO A 247 7.14 -9.43 -19.72
C PRO A 247 6.83 -8.93 -18.31
N LYS A 248 5.59 -8.51 -18.10
CA LYS A 248 5.15 -7.94 -16.83
C LYS A 248 3.99 -8.75 -16.26
N GLU A 249 4.01 -8.93 -14.94
CA GLU A 249 2.98 -9.67 -14.22
C GLU A 249 1.93 -8.72 -13.66
N PHE A 250 0.66 -9.09 -13.83
CA PHE A 250 -0.47 -8.36 -13.26
C PHE A 250 -1.52 -9.35 -12.78
N ALA A 251 -2.07 -9.10 -11.59
CA ALA A 251 -3.16 -9.94 -11.03
C ALA A 251 -4.45 -9.82 -11.83
N GLY A 252 -5.21 -10.90 -11.86
CA GLY A 252 -6.56 -10.89 -12.44
C GLY A 252 -7.64 -10.23 -11.59
N GLY A 253 -8.84 -10.20 -12.14
CA GLY A 253 -9.99 -9.57 -11.49
C GLY A 253 -10.31 -10.20 -10.14
N SER A 254 -10.66 -9.37 -9.16
CA SER A 254 -10.87 -9.85 -7.80
C SER A 254 -11.85 -8.92 -7.08
N ALA A 255 -12.66 -9.49 -6.21
CA ALA A 255 -13.50 -8.65 -5.34
C ALA A 255 -12.64 -7.75 -4.45
N GLY A 256 -11.41 -8.18 -4.16
CA GLY A 256 -10.42 -7.36 -3.45
C GLY A 256 -10.11 -6.02 -4.11
N GLN A 257 -10.35 -5.94 -5.41
CA GLN A 257 -10.22 -4.68 -6.16
C GLN A 257 -11.38 -3.70 -5.93
N SER A 258 -12.49 -4.17 -5.39
CA SER A 258 -13.59 -3.27 -5.05
C SER A 258 -13.22 -2.34 -3.93
N SER A 259 -13.60 -1.08 -4.08
CA SER A 259 -13.41 -0.11 -3.04
C SER A 259 -14.29 -0.30 -1.80
N VAL A 260 -15.44 -0.94 -1.98
CA VAL A 260 -16.38 -1.27 -0.91
C VAL A 260 -15.81 -2.38 -0.05
N PHE A 261 -15.10 -3.28 -0.70
CA PHE A 261 -14.38 -4.35 -0.04
C PHE A 261 -13.36 -3.86 1.00
N GLN A 262 -12.84 -2.65 0.82
CA GLN A 262 -11.88 -2.05 1.77
C GLN A 262 -12.39 -0.85 2.56
N CYS A 263 -13.33 -0.07 2.02
CA CYS A 263 -13.59 1.25 2.60
C CYS A 263 -14.26 1.26 3.98
N PHE A 264 -15.11 0.28 4.26
CA PHE A 264 -15.72 0.16 5.58
C PHE A 264 -14.76 -0.40 6.60
N ASP A 265 -13.83 -1.25 6.15
CA ASP A 265 -12.75 -1.71 7.02
C ASP A 265 -11.89 -0.55 7.48
N VAL A 266 -11.55 0.33 6.55
CA VAL A 266 -10.77 1.53 6.85
C VAL A 266 -11.59 2.48 7.74
N LEU A 267 -12.84 2.75 7.37
CA LEU A 267 -13.71 3.61 8.17
C LEU A 267 -13.76 3.24 9.64
N LEU A 268 -13.93 1.94 9.88
CA LEU A 268 -14.13 1.39 11.21
C LEU A 268 -12.85 1.00 11.92
N GLY A 269 -11.70 1.18 11.28
CA GLY A 269 -10.41 0.93 11.93
C GLY A 269 -10.08 -0.55 12.06
N ILE A 270 -10.69 -1.38 11.22
CA ILE A 270 -10.39 -2.83 11.16
C ILE A 270 -9.13 -2.87 10.30
N GLN A 271 -7.98 -3.10 10.91
CA GLN A 271 -6.70 -2.86 10.23
C GLN A 271 -6.37 -4.02 9.31
N GLN A 272 -7.07 -4.06 8.17
CA GLN A 272 -6.93 -5.16 7.22
C GLN A 272 -5.59 -5.16 6.51
N THR A 273 -5.01 -3.97 6.32
CA THR A 273 -3.67 -3.81 5.73
C THR A 273 -2.50 -3.80 6.75
N ALA A 274 -2.75 -4.19 8.01
CA ALA A 274 -1.70 -4.29 9.07
C ALA A 274 -1.14 -5.72 9.26
N GLY A 275 -0.09 -5.82 10.08
CA GLY A 275 0.41 -7.12 10.58
C GLY A 275 1.34 -7.94 9.68
N GLY A 276 1.59 -7.45 8.46
CA GLY A 276 2.61 -8.01 7.57
C GLY A 276 2.28 -9.32 6.85
N GLY A 277 1.05 -9.80 6.99
CA GLY A 277 0.65 -11.09 6.43
C GLY A 277 0.32 -10.98 4.94
N HIS A 278 -0.06 -12.10 4.34
CA HIS A 278 -0.39 -12.14 2.92
C HIS A 278 -1.64 -11.34 2.55
N ALA A 279 -2.66 -11.35 3.41
CA ALA A 279 -3.94 -10.71 3.12
C ALA A 279 -3.83 -9.17 3.11
N ALA A 280 -3.07 -8.65 4.05
CA ALA A 280 -2.77 -7.23 4.14
C ALA A 280 -2.01 -6.73 2.90
N GLN A 281 -1.02 -7.50 2.50
CA GLN A 281 -0.25 -7.28 1.28
C GLN A 281 -1.14 -7.20 0.02
N PHE A 282 -2.05 -8.15 -0.09
CA PHE A 282 -2.90 -8.24 -1.25
C PHE A 282 -3.86 -7.05 -1.33
N LEU A 283 -4.45 -6.68 -0.21
CA LEU A 283 -5.39 -5.56 -0.18
C LEU A 283 -4.72 -4.22 -0.53
N GLN A 284 -3.54 -4.00 0.02
CA GLN A 284 -2.78 -2.82 -0.35
C GLN A 284 -2.47 -2.86 -1.83
N ASP A 285 -1.95 -3.99 -2.33
CA ASP A 285 -1.58 -4.13 -3.76
C ASP A 285 -2.78 -3.83 -4.64
N MET A 286 -3.95 -4.34 -4.25
CA MET A 286 -5.17 -4.14 -5.04
C MET A 286 -5.66 -2.69 -5.12
N ARG A 287 -5.15 -1.79 -4.28
CA ARG A 287 -5.45 -0.35 -4.42
C ARG A 287 -4.90 0.24 -5.71
N ARG A 288 -3.82 -0.36 -6.21
CA ARG A 288 -3.20 0.02 -7.49
C ARG A 288 -4.04 -0.43 -8.70
N TYR A 289 -5.02 -1.31 -8.48
CA TYR A 289 -5.92 -1.78 -9.50
C TYR A 289 -7.28 -1.08 -9.45
N MET A 290 -7.42 -0.10 -8.55
CA MET A 290 -8.62 0.72 -8.43
C MET A 290 -8.38 2.01 -9.16
N PRO A 291 -9.45 2.68 -9.63
CA PRO A 291 -9.28 4.01 -10.20
C PRO A 291 -8.63 4.97 -9.20
N PRO A 292 -7.77 5.88 -9.67
CA PRO A 292 -7.03 6.76 -8.77
C PRO A 292 -7.91 7.54 -7.81
N ALA A 293 -9.06 8.00 -8.29
CA ALA A 293 -10.00 8.73 -7.44
C ALA A 293 -10.46 7.89 -6.23
N HIS A 294 -10.67 6.60 -6.45
CA HIS A 294 -11.11 5.70 -5.38
C HIS A 294 -9.99 5.30 -4.45
N ARG A 295 -8.77 5.11 -4.97
CA ARG A 295 -7.59 4.91 -4.10
C ARG A 295 -7.36 6.14 -3.25
N ASN A 296 -7.56 7.33 -3.84
CA ASN A 296 -7.42 8.57 -3.11
C ASN A 296 -8.46 8.68 -2.01
N PHE A 297 -9.67 8.23 -2.28
CA PHE A 297 -10.71 8.26 -1.29
C PHE A 297 -10.33 7.43 -0.05
N LEU A 298 -9.87 6.22 -0.31
CA LEU A 298 -9.39 5.32 0.73
C LEU A 298 -8.25 5.93 1.53
N CYS A 299 -7.33 6.59 0.84
CA CYS A 299 -6.27 7.38 1.47
C CYS A 299 -6.81 8.43 2.42
N SER A 300 -7.80 9.19 1.97
CA SER A 300 -8.40 10.25 2.81
C SER A 300 -9.13 9.68 4.03
N LEU A 301 -9.77 8.53 3.85
CA LEU A 301 -10.36 7.81 4.99
C LEU A 301 -9.31 7.44 6.02
N GLU A 302 -8.19 6.88 5.58
CA GLU A 302 -7.05 6.53 6.45
C GLU A 302 -6.53 7.73 7.24
N SER A 303 -6.49 8.88 6.58
CA SER A 303 -5.90 10.10 7.11
C SER A 303 -6.82 10.85 8.09
N ASN A 304 -8.12 10.56 8.09
CA ASN A 304 -9.02 11.09 9.10
C ASN A 304 -8.77 10.37 10.43
N PRO A 305 -9.25 10.95 11.55
CA PRO A 305 -9.08 10.23 12.82
C PRO A 305 -9.96 8.98 12.90
N SER A 306 -9.58 8.08 13.79
CA SER A 306 -10.15 6.74 13.88
C SER A 306 -11.55 6.73 14.55
N VAL A 307 -12.52 6.10 13.90
CA VAL A 307 -13.86 5.94 14.44
C VAL A 307 -13.85 4.94 15.59
N ARG A 308 -13.09 3.86 15.43
CA ARG A 308 -12.91 2.84 16.46
C ARG A 308 -12.43 3.45 17.79
N GLU A 309 -11.34 4.22 17.71
CA GLU A 309 -10.75 4.83 18.90
C GLU A 309 -11.70 5.81 19.57
N PHE A 310 -12.41 6.60 18.77
CA PHE A 310 -13.39 7.55 19.28
C PHE A 310 -14.47 6.82 20.07
N VAL A 311 -15.05 5.76 19.49
CA VAL A 311 -16.07 4.97 20.15
C VAL A 311 -15.52 4.31 21.41
N LEU A 312 -14.31 3.77 21.32
CA LEU A 312 -13.68 3.11 22.46
C LEU A 312 -13.34 4.03 23.61
N SER A 313 -13.05 5.29 23.30
CA SER A 313 -12.67 6.27 24.31
C SER A 313 -13.86 6.86 25.09
N LYS A 314 -15.10 6.60 24.66
CA LYS A 314 -16.26 7.37 25.14
C LYS A 314 -17.04 6.75 26.29
N GLY A 315 -16.82 5.45 26.55
CA GLY A 315 -17.47 4.73 27.67
C GLY A 315 -18.97 4.75 27.54
N ASP A 316 -19.42 4.48 26.32
CA ASP A 316 -20.78 4.69 25.87
C ASP A 316 -21.24 3.40 25.20
N ALA A 317 -22.04 2.61 25.92
CA ALA A 317 -22.54 1.31 25.42
C ALA A 317 -23.39 1.46 24.15
N GLY A 318 -24.14 2.56 24.08
CA GLY A 318 -24.94 2.88 22.90
C GLY A 318 -24.11 3.05 21.65
N LEU A 319 -23.01 3.78 21.77
CA LEU A 319 -22.09 3.96 20.65
C LEU A 319 -21.39 2.66 20.31
N ARG A 320 -21.03 1.89 21.32
CA ARG A 320 -20.34 0.64 21.12
C ARG A 320 -21.20 -0.33 20.33
N GLU A 321 -22.48 -0.43 20.69
CA GLU A 321 -23.42 -1.29 19.97
C GLU A 321 -23.66 -0.90 18.50
N ALA A 322 -23.73 0.38 18.21
CA ALA A 322 -23.95 0.84 16.85
C ALA A 322 -22.73 0.56 15.97
N TYR A 323 -21.53 0.71 16.54
CA TYR A 323 -20.28 0.31 15.86
C TYR A 323 -20.25 -1.21 15.61
N ASP A 324 -20.50 -1.99 16.66
CA ASP A 324 -20.57 -3.46 16.54
C ASP A 324 -21.58 -3.95 15.50
N ALA A 325 -22.70 -3.23 15.36
CA ALA A 325 -23.71 -3.54 14.33
C ALA A 325 -23.09 -3.45 12.93
N CYS A 326 -22.27 -2.41 12.69
CA CYS A 326 -21.49 -2.30 11.46
C CYS A 326 -20.50 -3.44 11.29
N VAL A 327 -19.76 -3.77 12.33
CA VAL A 327 -18.76 -4.84 12.25
C VAL A 327 -19.42 -6.17 11.95
N LYS A 328 -20.54 -6.42 12.63
CA LYS A 328 -21.25 -7.67 12.48
C LYS A 328 -21.81 -7.83 11.07
N ALA A 329 -22.31 -6.73 10.49
CA ALA A 329 -22.77 -6.74 9.08
C ALA A 329 -21.64 -7.07 8.13
N LEU A 330 -20.45 -6.55 8.40
CA LEU A 330 -19.29 -6.91 7.59
C LEU A 330 -18.92 -8.37 7.76
N VAL A 331 -18.98 -8.89 9.00
CA VAL A 331 -18.71 -10.29 9.25
C VAL A 331 -19.61 -11.17 8.37
N SER A 332 -20.90 -10.82 8.28
CA SER A 332 -21.89 -11.61 7.53
C SER A 332 -21.63 -11.55 6.03
N LEU A 333 -21.19 -10.39 5.55
CA LEU A 333 -20.82 -10.25 4.15
C LEU A 333 -19.60 -11.11 3.81
N ARG A 334 -18.61 -11.14 4.70
CA ARG A 334 -17.42 -11.97 4.48
C ARG A 334 -17.76 -13.46 4.52
N SER A 335 -18.60 -13.84 5.48
CA SER A 335 -19.04 -15.22 5.60
C SER A 335 -19.79 -15.67 4.35
N TYR A 336 -20.70 -14.81 3.87
CA TYR A 336 -21.45 -15.09 2.65
C TYR A 336 -20.56 -15.23 1.41
N HIS A 337 -19.56 -14.37 1.31
CA HIS A 337 -18.59 -14.45 0.22
C HIS A 337 -17.86 -15.79 0.28
N LEU A 338 -17.52 -16.23 1.48
CA LEU A 338 -16.87 -17.53 1.66
C LEU A 338 -17.78 -18.67 1.16
N GLN A 339 -19.05 -18.60 1.50
CA GLN A 339 -20.01 -19.60 1.08
C GLN A 339 -20.12 -19.68 -0.44
N ILE A 340 -20.03 -18.52 -1.08
CA ILE A 340 -20.06 -18.44 -2.53
C ILE A 340 -18.83 -19.06 -3.16
N VAL A 341 -17.67 -18.86 -2.54
CA VAL A 341 -16.43 -19.46 -3.08
C VAL A 341 -16.48 -20.98 -2.95
N THR A 342 -17.12 -21.46 -1.89
CA THR A 342 -17.27 -22.89 -1.66
C THR A 342 -18.12 -23.53 -2.78
N LYS A 343 -19.28 -22.95 -3.03
CA LYS A 343 -20.20 -23.46 -4.04
C LYS A 343 -19.67 -23.26 -5.48
N TYR A 344 -19.02 -22.12 -5.73
CA TYR A 344 -18.67 -21.72 -7.09
C TYR A 344 -17.25 -22.05 -7.53
N ILE A 345 -16.34 -22.32 -6.60
CA ILE A 345 -14.95 -22.65 -6.96
C ILE A 345 -14.50 -23.97 -6.38
N LEU A 346 -14.54 -24.08 -5.04
CA LEU A 346 -14.06 -25.29 -4.34
C LEU A 346 -14.71 -26.59 -4.78
N ILE A 347 -16.05 -26.63 -4.79
CA ILE A 347 -16.77 -27.84 -5.15
C ILE A 347 -16.50 -28.22 -6.63
N PRO A 348 -16.77 -27.30 -7.59
CA PRO A 348 -16.42 -27.60 -8.99
C PRO A 348 -14.97 -28.03 -9.21
N ALA A 349 -14.02 -27.42 -8.49
CA ALA A 349 -12.62 -27.85 -8.56
C ALA A 349 -12.41 -29.32 -8.14
N SER A 350 -13.18 -29.77 -7.16
CA SER A 350 -13.15 -31.17 -6.68
C SER A 350 -13.80 -32.17 -7.64
N GLN A 351 -14.83 -31.71 -8.37
CA GLN A 351 -15.51 -32.53 -9.38
C GLN A 351 -14.76 -32.60 -10.72
N GLN A 352 -13.75 -31.77 -10.91
CA GLN A 352 -12.97 -31.75 -12.15
C GLN A 352 -11.96 -32.92 -12.16
N PRO A 353 -11.87 -33.67 -13.27
CA PRO A 353 -10.91 -34.78 -13.34
C PRO A 353 -9.48 -34.29 -13.57
N GLY A 371 -5.40 -24.64 -5.05
CA GLY A 371 -5.94 -23.69 -6.02
C GLY A 371 -6.84 -22.66 -5.36
N GLY A 372 -8.15 -22.93 -5.36
CA GLY A 372 -9.18 -22.09 -4.71
C GLY A 372 -9.02 -21.84 -3.20
N THR A 373 -8.28 -22.72 -2.55
CA THR A 373 -7.88 -22.58 -1.14
C THR A 373 -7.21 -21.24 -0.80
N ASP A 374 -6.34 -20.74 -1.69
CA ASP A 374 -5.64 -19.45 -1.48
C ASP A 374 -6.62 -18.29 -1.30
N LEU A 375 -7.64 -18.26 -2.17
CA LEU A 375 -8.72 -17.29 -2.05
C LEU A 375 -9.51 -17.49 -0.75
N MET A 376 -9.84 -18.75 -0.43
CA MET A 376 -10.56 -19.07 0.82
C MET A 376 -9.77 -18.58 2.03
N ASN A 377 -8.45 -18.78 2.01
CA ASN A 377 -7.59 -18.43 3.14
C ASN A 377 -7.49 -16.94 3.31
N PHE A 378 -7.37 -16.23 2.19
CA PHE A 378 -7.41 -14.78 2.20
C PHE A 378 -8.67 -14.30 2.90
N LEU A 379 -9.83 -14.79 2.44
CA LEU A 379 -11.11 -14.38 2.97
C LEU A 379 -11.33 -14.75 4.43
N LYS A 380 -10.84 -15.92 4.84
CA LYS A 380 -10.91 -16.33 6.25
C LYS A 380 -10.09 -15.40 7.15
N THR A 381 -8.92 -14.99 6.65
CA THR A 381 -8.12 -14.00 7.35
C THR A 381 -8.88 -12.69 7.50
N VAL A 382 -9.46 -12.22 6.39
CA VAL A 382 -10.22 -10.98 6.38
C VAL A 382 -11.40 -11.04 7.33
N ARG A 383 -12.14 -12.14 7.30
CA ARG A 383 -13.26 -12.31 8.21
C ARG A 383 -12.80 -12.35 9.67
N SER A 384 -11.74 -13.10 9.94
CA SER A 384 -11.27 -13.28 11.29
C SER A 384 -10.89 -11.93 11.90
N THR A 385 -10.13 -11.15 11.14
CA THR A 385 -9.75 -9.80 11.55
C THR A 385 -10.99 -8.98 11.87
N THR A 386 -12.02 -9.08 11.04
CA THR A 386 -13.26 -8.33 11.26
C THR A 386 -13.93 -8.73 12.57
N GLU A 387 -13.97 -10.03 12.85
CA GLU A 387 -14.60 -10.54 14.08
C GLU A 387 -13.87 -10.02 15.30
N LYS A 388 -12.54 -10.01 15.23
CA LYS A 388 -11.70 -9.56 16.33
C LYS A 388 -11.84 -8.07 16.63
N SER A 389 -12.40 -7.30 15.70
CA SER A 389 -12.75 -5.90 15.92
C SER A 389 -14.04 -5.64 16.71
N LEU A 390 -14.85 -6.66 16.95
CA LEU A 390 -16.03 -6.49 17.79
C LEU A 390 -15.64 -6.00 19.19
N LEU A 391 -16.27 -4.93 19.65
CA LEU A 391 -15.96 -4.32 20.96
C LEU A 391 -16.51 -5.06 22.17
N LYS A 392 -17.71 -5.65 22.06
CA LYS A 392 -18.32 -6.41 23.16
C LYS A 392 -17.76 -7.83 23.21
N ILE B 2 1.79 22.31 6.32
CA ILE B 2 1.52 20.84 6.52
C ILE B 2 0.64 20.66 7.75
N SER B 3 -0.48 19.98 7.59
CA SER B 3 -1.43 19.74 8.68
C SER B 3 -0.81 18.86 9.77
N LYS B 4 -1.10 19.22 11.03
CA LYS B 4 -0.59 18.51 12.22
C LYS B 4 -0.93 17.01 12.24
N GLU B 5 -2.02 16.64 11.56
CA GLU B 5 -2.41 15.24 11.33
C GLU B 5 -1.33 14.34 10.68
N TYR B 6 -0.41 14.92 9.89
CA TYR B 6 0.70 14.14 9.30
C TYR B 6 1.97 13.98 10.17
N HIS B 7 2.01 14.64 11.33
N HIS B 7 2.03 14.65 11.32
CA HIS B 7 3.13 14.52 12.29
CA HIS B 7 3.14 14.48 12.27
C HIS B 7 4.48 14.81 11.65
C HIS B 7 4.49 14.80 11.63
N ILE B 8 4.54 15.94 10.95
CA ILE B 8 5.74 16.43 10.32
C ILE B 8 6.09 17.73 11.04
N ASP B 9 7.23 17.75 11.70
CA ASP B 9 7.70 18.94 12.41
C ASP B 9 8.41 19.86 11.42
N GLU B 10 8.28 21.17 11.61
CA GLU B 10 8.93 22.15 10.77
C GLU B 10 10.46 22.03 10.84
N GLU B 11 10.99 21.82 12.05
CA GLU B 11 12.43 21.68 12.26
C GLU B 11 12.99 20.30 11.89
N VAL B 12 12.37 19.23 12.38
CA VAL B 12 12.95 17.88 12.29
C VAL B 12 12.25 16.95 11.27
N GLY B 13 11.22 17.48 10.59
CA GLY B 13 10.51 16.73 9.55
C GLY B 13 9.80 15.50 10.09
N PHE B 14 10.17 14.35 9.52
CA PHE B 14 9.62 13.07 9.96
C PHE B 14 10.22 12.56 11.25
N ALA B 15 11.30 13.19 11.73
CA ALA B 15 11.85 12.81 13.04
C ALA B 15 10.89 13.22 14.16
N LEU B 16 10.89 12.43 15.22
CA LEU B 16 10.08 12.73 16.38
C LEU B 16 10.77 13.88 17.11
N PRO B 17 10.10 15.03 17.27
CA PRO B 17 10.77 16.13 17.98
C PRO B 17 10.97 15.81 19.47
N ASN B 18 12.11 16.24 20.00
CA ASN B 18 12.48 16.00 21.41
C ASN B 18 11.94 14.68 22.00
N PRO B 19 12.48 13.54 21.56
CA PRO B 19 12.01 12.23 22.01
C PRO B 19 12.19 12.05 23.51
N GLN B 20 11.31 11.26 24.12
CA GLN B 20 11.45 10.96 25.56
C GLN B 20 12.68 10.08 25.76
N GLU B 21 13.43 10.34 26.83
CA GLU B 21 14.61 9.55 27.21
C GLU B 21 14.31 8.47 28.25
N ASN B 22 13.44 8.79 29.21
CA ASN B 22 13.10 7.90 30.30
C ASN B 22 11.61 7.55 30.27
N LEU B 23 11.31 6.30 30.56
CA LEU B 23 9.94 5.85 30.76
C LEU B 23 9.57 6.12 32.21
N PRO B 24 8.29 5.95 32.56
CA PRO B 24 7.91 5.98 33.98
C PRO B 24 8.63 4.89 34.78
N ASP B 25 8.79 5.16 36.09
CA ASP B 25 9.46 4.24 37.04
C ASP B 25 9.00 2.79 36.89
N PHE B 26 7.72 2.63 36.57
CA PHE B 26 7.09 1.32 36.34
C PHE B 26 7.87 0.43 35.39
N TYR B 27 8.42 1.02 34.34
CA TYR B 27 9.16 0.28 33.31
C TYR B 27 10.68 0.25 33.49
N ASN B 28 11.17 0.42 34.72
CA ASN B 28 12.60 0.38 35.02
C ASN B 28 13.32 -0.88 34.52
N ASP B 29 12.64 -2.02 34.62
CA ASP B 29 13.24 -3.30 34.26
C ASP B 29 13.50 -3.41 32.75
N TRP B 30 12.63 -2.80 31.95
CA TRP B 30 12.86 -2.73 30.50
C TRP B 30 14.04 -1.84 30.21
N MET B 31 14.03 -0.67 30.85
CA MET B 31 15.01 0.37 30.64
C MET B 31 16.44 -0.05 30.98
N PHE B 32 16.60 -0.81 32.06
CA PHE B 32 17.92 -1.34 32.44
C PHE B 32 18.49 -2.25 31.35
N ILE B 33 17.67 -3.19 30.90
CA ILE B 33 18.10 -4.13 29.87
C ILE B 33 18.44 -3.39 28.57
N ALA B 34 17.53 -2.53 28.12
CA ALA B 34 17.72 -1.79 26.87
C ALA B 34 18.93 -0.87 26.90
N LYS B 35 19.19 -0.24 28.05
CA LYS B 35 20.38 0.58 28.24
C LYS B 35 21.73 -0.18 28.33
N HIS B 36 21.68 -1.50 28.55
CA HIS B 36 22.89 -2.28 28.84
C HIS B 36 23.02 -3.48 27.93
N LEU B 37 22.49 -3.35 26.71
CA LEU B 37 22.57 -4.43 25.71
C LEU B 37 24.00 -4.85 25.36
N PRO B 38 24.92 -3.88 25.16
CA PRO B 38 26.30 -4.28 24.90
C PRO B 38 26.86 -5.20 25.98
N ASP B 39 26.62 -4.84 27.24
CA ASP B 39 27.18 -5.54 28.39
C ASP B 39 26.53 -6.88 28.63
N LEU B 40 25.19 -6.92 28.54
CA LEU B 40 24.42 -8.15 28.79
C LEU B 40 24.62 -9.20 27.71
N ILE B 41 24.72 -8.75 26.46
CA ILE B 41 25.01 -9.67 25.35
C ILE B 41 26.38 -10.31 25.53
N GLU B 42 27.37 -9.48 25.83
CA GLU B 42 28.73 -9.95 25.91
C GLU B 42 28.99 -10.90 27.08
N SER B 43 28.28 -10.67 28.18
CA SER B 43 28.38 -11.52 29.36
C SER B 43 27.46 -12.75 29.28
N GLY B 44 26.72 -12.88 28.19
CA GLY B 44 25.76 -13.97 28.01
C GLY B 44 24.60 -13.96 29.00
N GLN B 45 24.18 -12.77 29.42
CA GLN B 45 23.13 -12.60 30.42
C GLN B 45 21.86 -11.96 29.84
N LEU B 46 21.90 -11.52 28.58
CA LEU B 46 20.77 -10.81 27.97
C LEU B 46 19.49 -11.62 28.03
N ARG B 47 19.56 -12.83 27.47
CA ARG B 47 18.41 -13.71 27.37
C ARG B 47 17.83 -14.07 28.74
N GLU B 48 18.70 -14.35 29.70
CA GLU B 48 18.29 -14.61 31.08
C GLU B 48 17.54 -13.41 31.69
N ARG B 49 18.13 -12.23 31.58
CA ARG B 49 17.49 -11.01 32.07
C ARG B 49 16.12 -10.81 31.42
N VAL B 50 16.04 -11.09 30.12
CA VAL B 50 14.80 -10.96 29.38
C VAL B 50 13.75 -11.93 29.91
N GLU B 51 14.13 -13.19 30.02
CA GLU B 51 13.23 -14.26 30.50
C GLU B 51 12.81 -14.09 31.97
N LYS B 52 13.60 -13.38 32.78
CA LYS B 52 13.21 -13.06 34.17
C LYS B 52 12.21 -11.88 34.32
N LEU B 53 11.90 -11.17 33.24
CA LEU B 53 10.95 -10.07 33.34
C LEU B 53 9.50 -10.53 33.66
N ASN B 54 8.80 -9.72 34.43
CA ASN B 54 7.35 -9.85 34.51
C ASN B 54 6.74 -9.21 33.28
N MET B 55 5.55 -9.67 32.91
CA MET B 55 4.80 -9.05 31.82
C MET B 55 4.21 -7.75 32.36
N LEU B 56 4.73 -6.63 31.85
CA LEU B 56 4.30 -5.32 32.27
C LEU B 56 3.21 -4.81 31.33
N SER B 57 2.11 -4.33 31.91
CA SER B 57 1.03 -3.69 31.17
C SER B 57 1.54 -2.44 30.43
N ILE B 58 1.04 -2.21 29.21
CA ILE B 58 1.36 -0.98 28.47
C ILE B 58 0.51 0.22 28.86
N ASP B 59 -0.45 0.04 29.77
CA ASP B 59 -1.44 1.07 30.10
C ASP B 59 -0.86 2.35 30.72
N HIS B 60 0.31 2.25 31.33
CA HIS B 60 0.98 3.43 31.93
C HIS B 60 1.84 4.23 30.94
N LEU B 61 1.88 3.78 29.67
CA LEU B 61 2.41 4.56 28.54
C LEU B 61 1.28 5.40 27.96
N THR B 62 1.13 6.62 28.49
CA THR B 62 -0.11 7.41 28.32
C THR B 62 -0.15 8.38 27.14
N ASP B 63 1.00 8.68 26.54
CA ASP B 63 1.10 9.63 25.41
C ASP B 63 1.97 9.06 24.30
N HIS B 64 1.95 9.72 23.14
CA HIS B 64 2.65 9.22 21.95
C HIS B 64 4.16 9.01 22.15
N LYS B 65 4.81 10.00 22.78
CA LYS B 65 6.25 9.97 22.98
C LYS B 65 6.70 8.83 23.92
N SER B 66 6.00 8.65 25.04
CA SER B 66 6.29 7.51 25.93
C SER B 66 6.11 6.16 25.22
N GLN B 67 5.08 6.06 24.40
CA GLN B 67 4.81 4.85 23.63
C GLN B 67 5.83 4.63 22.51
N ARG B 68 6.35 5.71 21.95
CA ARG B 68 7.41 5.61 20.93
C ARG B 68 8.73 5.17 21.56
N LEU B 69 9.04 5.70 22.74
CA LEU B 69 10.25 5.30 23.46
C LEU B 69 10.18 3.83 23.82
N ALA B 70 9.03 3.41 24.34
CA ALA B 70 8.81 2.03 24.73
C ALA B 70 8.98 1.06 23.56
N ARG B 71 8.46 1.46 22.41
CA ARG B 71 8.59 0.64 21.21
C ARG B 71 10.06 0.48 20.84
N LEU B 72 10.81 1.56 20.98
CA LEU B 72 12.24 1.57 20.70
C LEU B 72 12.97 0.65 21.70
N VAL B 73 12.68 0.83 22.98
CA VAL B 73 13.20 -0.04 24.04
C VAL B 73 12.95 -1.51 23.74
N LEU B 74 11.68 -1.85 23.46
CA LEU B 74 11.30 -3.24 23.21
C LEU B 74 11.84 -3.76 21.91
N GLY B 75 11.93 -2.88 20.91
CA GLY B 75 12.51 -3.27 19.63
C GLY B 75 14.00 -3.60 19.73
N CYS B 76 14.74 -2.79 20.48
CA CYS B 76 16.16 -3.04 20.69
C CYS B 76 16.38 -4.34 21.47
N ILE B 77 15.64 -4.51 22.55
CA ILE B 77 15.69 -5.74 23.35
C ILE B 77 15.38 -6.96 22.47
N THR B 78 14.39 -6.84 21.59
CA THR B 78 13.98 -7.94 20.73
C THR B 78 15.06 -8.34 19.75
N MET B 79 15.70 -7.37 19.10
N MET B 79 15.68 -7.36 19.09
CA MET B 79 16.82 -7.69 18.21
CA MET B 79 16.83 -7.64 18.23
C MET B 79 17.98 -8.36 18.99
C MET B 79 17.95 -8.37 19.00
N ALA B 80 18.24 -7.91 20.22
CA ALA B 80 19.28 -8.49 21.04
C ALA B 80 18.95 -9.92 21.46
N TYR B 81 17.70 -10.14 21.87
CA TYR B 81 17.24 -11.46 22.26
C TYR B 81 17.31 -12.46 21.10
N VAL B 82 16.82 -12.05 19.94
CA VAL B 82 16.76 -12.94 18.79
C VAL B 82 18.16 -13.28 18.28
N TRP B 83 18.97 -12.25 18.02
CA TRP B 83 20.29 -12.43 17.39
C TRP B 83 21.38 -12.78 18.37
N GLY B 84 21.19 -12.42 19.65
CA GLY B 84 22.16 -12.73 20.70
C GLY B 84 23.49 -12.07 20.42
N LYS B 85 24.57 -12.85 20.47
CA LYS B 85 25.92 -12.38 20.17
C LYS B 85 26.21 -12.13 18.67
N GLY B 86 25.32 -12.57 17.80
CA GLY B 86 25.39 -12.21 16.38
C GLY B 86 26.24 -13.12 15.51
N HIS B 87 26.43 -14.36 15.96
CA HIS B 87 27.31 -15.34 15.31
C HIS B 87 26.62 -16.67 14.99
N GLY B 88 25.29 -16.72 15.04
CA GLY B 88 24.52 -17.91 14.63
C GLY B 88 23.59 -18.53 15.67
N ASP B 89 23.85 -18.29 16.95
CA ASP B 89 23.01 -18.78 18.03
C ASP B 89 21.77 -17.87 18.18
N VAL B 90 20.67 -18.28 17.58
CA VAL B 90 19.45 -17.48 17.55
C VAL B 90 18.34 -17.99 18.49
N ARG B 91 17.34 -17.13 18.74
CA ARG B 91 16.09 -17.52 19.38
C ARG B 91 14.94 -17.25 18.43
N LYS B 92 14.09 -18.25 18.25
CA LYS B 92 12.94 -18.21 17.34
C LYS B 92 11.61 -17.94 18.05
N VAL B 93 11.65 -17.80 19.37
CA VAL B 93 10.48 -17.52 20.19
C VAL B 93 10.79 -16.32 21.06
N LEU B 94 9.94 -15.30 21.00
CA LEU B 94 10.09 -14.14 21.85
C LEU B 94 9.23 -14.35 23.10
N PRO B 95 9.84 -14.44 24.30
CA PRO B 95 9.01 -14.65 25.50
C PRO B 95 7.80 -13.71 25.65
N ARG B 96 6.71 -14.25 26.16
CA ARG B 96 5.47 -13.49 26.32
C ARG B 96 5.62 -12.24 27.18
N ASN B 97 6.47 -12.28 28.21
CA ASN B 97 6.69 -11.13 29.09
C ASN B 97 7.06 -9.85 28.34
N ILE B 98 7.70 -9.97 27.18
N ILE B 98 7.66 -10.02 27.16
CA ILE B 98 7.98 -8.83 26.29
CA ILE B 98 8.12 -8.94 26.30
C ILE B 98 7.21 -8.86 24.99
C ILE B 98 7.30 -8.89 25.00
N ALA B 99 7.01 -10.05 24.41
CA ALA B 99 6.30 -10.16 23.13
C ALA B 99 4.88 -9.61 23.19
N VAL B 100 4.17 -9.89 24.28
CA VAL B 100 2.81 -9.39 24.44
C VAL B 100 2.78 -7.87 24.47
N PRO B 101 3.46 -7.23 25.46
CA PRO B 101 3.35 -5.77 25.46
C PRO B 101 3.92 -5.10 24.21
N TYR B 102 4.91 -5.73 23.60
CA TYR B 102 5.52 -5.21 22.38
C TYR B 102 4.51 -5.19 21.24
N CYS B 103 3.79 -6.28 21.07
CA CYS B 103 2.78 -6.38 20.02
C CYS B 103 1.57 -5.49 20.30
N GLN B 104 1.15 -5.45 21.55
CA GLN B 104 0.06 -4.53 21.97
C GLN B 104 0.42 -3.09 21.64
N LEU B 105 1.63 -2.70 22.00
CA LEU B 105 2.10 -1.36 21.78
C LEU B 105 2.26 -1.08 20.28
N SER B 106 2.73 -2.10 19.55
CA SER B 106 2.91 -1.99 18.12
C SER B 106 1.59 -1.80 17.40
N LYS B 107 0.62 -2.63 17.74
CA LYS B 107 -0.74 -2.55 17.17
C LYS B 107 -1.39 -1.18 17.46
N LYS B 108 -1.22 -0.68 18.68
CA LYS B 108 -1.67 0.67 19.04
C LYS B 108 -1.07 1.78 18.16
N LEU B 109 0.22 1.68 17.83
CA LEU B 109 0.91 2.67 16.98
C LEU B 109 0.89 2.33 15.47
N GLU B 110 0.29 1.18 15.13
CA GLU B 110 0.16 0.68 13.75
C GLU B 110 1.51 0.50 13.05
N LEU B 111 2.47 -0.03 13.81
CA LEU B 111 3.79 -0.40 13.28
C LEU B 111 3.96 -1.89 13.53
N PRO B 112 4.75 -2.60 12.69
CA PRO B 112 4.94 -4.02 12.99
C PRO B 112 5.81 -4.22 14.22
N PRO B 113 5.74 -5.40 14.88
CA PRO B 113 6.54 -5.58 16.08
C PRO B 113 7.99 -5.99 15.75
N ILE B 114 8.72 -5.03 15.23
CA ILE B 114 10.13 -5.19 14.92
C ILE B 114 10.73 -3.80 14.89
N LEU B 115 12.04 -3.72 15.10
CA LEU B 115 12.74 -2.46 15.05
C LEU B 115 12.66 -1.93 13.65
N VAL B 116 12.18 -0.69 13.50
CA VAL B 116 12.12 -0.01 12.20
C VAL B 116 12.93 1.28 12.25
N TYR B 117 13.11 1.88 11.09
CA TYR B 117 13.84 3.14 10.93
C TYR B 117 13.24 4.20 11.85
N ALA B 118 11.91 4.25 11.91
CA ALA B 118 11.22 5.22 12.78
C ALA B 118 11.52 5.08 14.28
N ASP B 119 11.94 3.89 14.70
CA ASP B 119 12.37 3.66 16.06
C ASP B 119 13.82 4.05 16.22
N CYS B 120 14.71 3.35 15.52
CA CYS B 120 16.15 3.41 15.78
C CYS B 120 16.83 4.66 15.20
N VAL B 121 16.14 5.42 14.36
CA VAL B 121 16.61 6.73 13.90
C VAL B 121 15.72 7.86 14.44
N LEU B 122 14.45 7.86 14.07
CA LEU B 122 13.59 9.04 14.30
C LEU B 122 13.25 9.33 15.75
N ALA B 123 13.19 8.30 16.58
CA ALA B 123 12.92 8.43 18.00
C ALA B 123 14.12 8.14 18.91
N ASN B 124 15.26 7.77 18.31
CA ASN B 124 16.40 7.25 19.03
C ASN B 124 17.46 8.32 19.19
N TRP B 125 17.07 9.45 19.76
CA TRP B 125 17.99 10.55 19.86
C TRP B 125 17.62 11.53 20.92
N LYS B 126 18.60 12.36 21.27
CA LYS B 126 18.45 13.45 22.23
C LYS B 126 19.48 14.49 21.90
N LYS B 127 19.19 15.73 22.24
CA LYS B 127 20.24 16.74 22.22
C LYS B 127 20.80 16.88 23.63
N LYS B 128 22.12 17.04 23.72
CA LYS B 128 22.83 17.07 25.00
C LYS B 128 22.53 18.38 25.74
N ASP B 129 22.79 19.50 25.06
CA ASP B 129 22.45 20.83 25.53
C ASP B 129 21.25 21.34 24.71
N PRO B 130 20.05 21.46 25.33
CA PRO B 130 18.86 21.97 24.64
C PRO B 130 18.96 23.39 24.04
N ASN B 131 19.81 24.26 24.59
CA ASN B 131 19.99 25.60 23.99
C ASN B 131 20.85 25.63 22.74
N LYS B 132 21.62 24.56 22.50
CA LYS B 132 22.53 24.47 21.36
C LYS B 132 21.82 23.78 20.17
N PRO B 133 22.29 24.01 18.93
CA PRO B 133 21.56 23.47 17.78
C PRO B 133 21.71 21.96 17.52
N LEU B 134 20.95 21.48 16.54
CA LEU B 134 20.99 20.09 16.10
C LEU B 134 22.26 19.83 15.30
N THR B 135 23.34 19.54 16.02
CA THR B 135 24.59 19.11 15.42
C THR B 135 25.03 17.80 16.04
N TYR B 136 25.84 17.07 15.30
CA TYR B 136 26.35 15.78 15.75
C TYR B 136 26.98 15.87 17.13
N GLU B 137 27.74 16.93 17.39
CA GLU B 137 28.42 17.17 18.67
C GLU B 137 27.46 17.47 19.83
N ASN B 138 26.30 18.05 19.51
CA ASN B 138 25.25 18.29 20.49
C ASN B 138 24.18 17.19 20.55
N MET B 139 24.46 16.01 20.00
CA MET B 139 23.45 14.94 19.90
C MET B 139 24.05 13.59 20.25
N ASP B 140 23.20 12.73 20.79
CA ASP B 140 23.56 11.35 21.06
C ASP B 140 22.35 10.46 20.74
N VAL B 141 22.60 9.16 20.67
CA VAL B 141 21.54 8.15 20.54
C VAL B 141 21.21 7.65 21.90
N LEU B 142 19.98 7.14 22.04
CA LEU B 142 19.52 6.62 23.31
C LEU B 142 19.94 5.19 23.51
N PHE B 143 20.00 4.40 22.44
CA PHE B 143 20.35 2.98 22.56
C PHE B 143 21.28 2.50 21.45
N SER B 144 22.15 1.57 21.83
CA SER B 144 23.01 0.81 20.94
C SER B 144 22.90 -0.68 21.23
N PHE B 145 23.57 -1.49 20.39
CA PHE B 145 23.56 -2.94 20.53
C PHE B 145 24.83 -3.51 21.15
N ARG B 146 25.97 -3.12 20.58
CA ARG B 146 27.28 -3.63 20.96
C ARG B 146 28.30 -2.49 20.98
N ASP B 147 29.29 -2.61 21.85
CA ASP B 147 30.35 -1.61 21.91
C ASP B 147 31.12 -1.67 20.60
N GLY B 148 31.40 -0.51 20.05
CA GLY B 148 32.00 -0.40 18.72
C GLY B 148 31.12 -0.74 17.54
N ASP B 149 29.80 -0.87 17.72
CA ASP B 149 28.93 -1.14 16.56
C ASP B 149 28.68 0.06 15.62
N CYS B 150 29.17 1.26 16.00
CA CYS B 150 28.96 2.50 15.23
C CYS B 150 27.48 2.89 15.08
N SER B 151 26.64 2.45 16.02
CA SER B 151 25.22 2.75 15.97
C SER B 151 24.92 4.24 16.11
N LYS B 152 25.69 4.94 16.94
CA LYS B 152 25.54 6.39 17.07
C LYS B 152 25.74 7.06 15.72
N GLY B 153 26.85 6.75 15.09
CA GLY B 153 27.18 7.31 13.78
C GLY B 153 26.11 7.04 12.75
N PHE B 154 25.76 5.77 12.64
CA PHE B 154 24.86 5.33 11.61
C PHE B 154 23.47 5.92 11.78
N PHE B 155 22.94 5.83 13.00
CA PHE B 155 21.64 6.39 13.32
C PHE B 155 21.62 7.92 13.29
N LEU B 156 22.59 8.59 13.92
CA LEU B 156 22.54 10.05 13.97
C LEU B 156 22.78 10.71 12.62
N VAL B 157 23.69 10.17 11.83
CA VAL B 157 23.89 10.74 10.49
C VAL B 157 22.62 10.55 9.64
N SER B 158 21.96 9.40 9.76
CA SER B 158 20.66 9.20 9.09
C SER B 158 19.67 10.25 9.54
N LEU B 159 19.62 10.48 10.85
CA LEU B 159 18.76 11.49 11.42
C LEU B 159 19.07 12.90 10.93
N LEU B 160 20.34 13.24 10.81
CA LEU B 160 20.74 14.54 10.30
C LEU B 160 20.34 14.75 8.83
N VAL B 161 20.40 13.71 8.01
CA VAL B 161 19.92 13.78 6.64
C VAL B 161 18.42 14.05 6.65
N GLU B 162 17.74 13.32 7.50
CA GLU B 162 16.32 13.45 7.74
C GLU B 162 15.94 14.89 8.14
N ILE B 163 16.69 15.45 9.08
CA ILE B 163 16.46 16.82 9.53
C ILE B 163 16.77 17.86 8.43
N ALA B 164 17.85 17.66 7.67
CA ALA B 164 18.16 18.50 6.51
C ALA B 164 17.00 18.54 5.50
N ALA B 165 16.49 17.36 5.17
CA ALA B 165 15.31 17.21 4.28
C ALA B 165 14.04 17.95 4.79
N ALA B 166 13.91 18.17 6.11
CA ALA B 166 12.80 18.95 6.72
C ALA B 166 12.59 20.32 6.11
N SER B 167 13.69 21.00 5.84
CA SER B 167 13.66 22.29 5.16
C SER B 167 12.98 22.23 3.79
N ALA B 168 13.11 21.09 3.12
CA ALA B 168 12.50 20.88 1.80
C ALA B 168 11.04 20.50 1.92
N ILE B 169 10.72 19.65 2.89
CA ILE B 169 9.37 19.13 3.10
C ILE B 169 8.34 20.24 3.33
N LYS B 170 8.72 21.23 4.12
CA LYS B 170 7.83 22.35 4.44
C LYS B 170 7.47 23.24 3.24
N VAL B 171 8.25 23.15 2.17
CA VAL B 171 7.94 23.83 0.90
C VAL B 171 6.83 23.11 0.08
N ILE B 172 6.58 21.84 0.36
CA ILE B 172 5.63 21.02 -0.42
C ILE B 172 4.28 21.71 -0.63
N PRO B 173 3.65 22.21 0.46
CA PRO B 173 2.37 22.90 0.28
C PRO B 173 2.40 24.13 -0.63
N THR B 174 3.52 24.86 -0.62
CA THR B 174 3.74 25.99 -1.56
C THR B 174 3.73 25.52 -2.99
N VAL B 175 4.36 24.37 -3.25
CA VAL B 175 4.37 23.78 -4.59
C VAL B 175 2.95 23.51 -5.12
N PHE B 176 2.11 22.88 -4.30
CA PHE B 176 0.76 22.51 -4.75
C PHE B 176 -0.18 23.70 -4.81
N LYS B 177 0.00 24.62 -3.87
CA LYS B 177 -0.76 25.86 -3.84
C LYS B 177 -0.43 26.71 -5.08
N ALA B 178 0.86 26.79 -5.40
CA ALA B 178 1.29 27.53 -6.59
C ALA B 178 0.71 26.93 -7.88
N MET B 179 0.59 25.61 -7.94
CA MET B 179 0.02 24.94 -9.12
C MET B 179 -1.45 25.22 -9.29
N GLN B 180 -2.21 24.98 -8.22
CA GLN B 180 -3.65 25.23 -8.26
C GLN B 180 -4.01 26.70 -8.50
N MET B 181 -3.23 27.63 -7.94
N MET B 181 -3.22 27.62 -7.93
CA MET B 181 -3.43 29.07 -8.13
CA MET B 181 -3.41 29.07 -8.12
C MET B 181 -2.71 29.62 -9.37
C MET B 181 -2.74 29.62 -9.38
N GLN B 182 -2.03 28.77 -10.13
CA GLN B 182 -1.33 29.17 -11.38
C GLN B 182 -0.29 30.30 -11.18
N GLU B 183 0.57 30.11 -10.20
CA GLU B 183 1.59 31.09 -9.81
C GLU B 183 2.93 30.50 -10.23
N ARG B 184 3.28 30.75 -11.49
CA ARG B 184 4.50 30.21 -12.10
C ARG B 184 5.79 30.63 -11.36
N ASP B 185 5.93 31.92 -11.06
CA ASP B 185 7.13 32.42 -10.36
C ASP B 185 7.27 31.79 -8.96
N THR B 186 6.16 31.67 -8.25
CA THR B 186 6.11 31.04 -6.93
C THR B 186 6.51 29.58 -7.03
N LEU B 187 5.93 28.87 -7.99
CA LEU B 187 6.31 27.47 -8.23
C LEU B 187 7.80 27.34 -8.50
N LEU B 188 8.34 28.18 -9.38
CA LEU B 188 9.75 28.07 -9.74
C LEU B 188 10.66 28.25 -8.51
N LYS B 189 10.36 29.27 -7.71
CA LYS B 189 11.10 29.56 -6.48
C LYS B 189 11.02 28.36 -5.53
N ALA B 190 9.82 27.83 -5.35
CA ALA B 190 9.64 26.69 -4.45
C ALA B 190 10.49 25.51 -4.87
N LEU B 191 10.50 25.21 -6.17
CA LEU B 191 11.29 24.08 -6.67
C LEU B 191 12.78 24.30 -6.51
N LEU B 192 13.24 25.53 -6.69
CA LEU B 192 14.64 25.85 -6.45
C LEU B 192 15.00 25.72 -4.99
N GLU B 193 14.09 26.11 -4.10
CA GLU B 193 14.32 26.02 -2.67
C GLU B 193 14.41 24.55 -2.24
N ILE B 194 13.51 23.71 -2.77
CA ILE B 194 13.57 22.27 -2.54
C ILE B 194 14.90 21.68 -3.01
N ALA B 195 15.30 22.01 -4.23
CA ALA B 195 16.55 21.53 -4.78
C ALA B 195 17.75 21.90 -3.86
N SER B 196 17.78 23.15 -3.45
CA SER B 196 18.81 23.66 -2.52
C SER B 196 18.90 22.85 -1.21
N CYS B 197 17.75 22.53 -0.63
CA CYS B 197 17.70 21.79 0.62
C CYS B 197 18.15 20.34 0.45
N LEU B 198 17.78 19.72 -0.67
CA LEU B 198 18.27 18.39 -1.00
C LEU B 198 19.76 18.34 -1.26
N GLU B 199 20.31 19.41 -1.83
CA GLU B 199 21.76 19.54 -2.00
C GLU B 199 22.48 19.60 -0.64
N LYS B 200 21.91 20.34 0.30
CA LYS B 200 22.43 20.41 1.67
C LYS B 200 22.37 19.06 2.37
N ALA B 201 21.26 18.36 2.18
CA ALA B 201 21.10 17.01 2.73
C ALA B 201 22.23 16.07 2.28
N LEU B 202 22.65 16.18 1.03
CA LEU B 202 23.76 15.37 0.54
C LEU B 202 25.07 15.68 1.28
N GLN B 203 25.35 16.96 1.48
CA GLN B 203 26.54 17.38 2.25
C GLN B 203 26.48 16.86 3.67
N VAL B 204 25.29 16.89 4.28
CA VAL B 204 25.11 16.27 5.59
C VAL B 204 25.45 14.77 5.60
N PHE B 205 25.00 14.07 4.57
CA PHE B 205 25.25 12.64 4.36
C PHE B 205 26.75 12.30 4.40
N HIS B 206 27.59 13.20 3.89
CA HIS B 206 29.05 13.03 3.87
C HIS B 206 29.67 12.75 5.25
N GLN B 207 29.03 13.22 6.32
CA GLN B 207 29.49 12.97 7.71
C GLN B 207 29.54 11.48 8.11
N ILE B 208 28.89 10.62 7.33
CA ILE B 208 28.86 9.19 7.60
C ILE B 208 30.25 8.61 7.80
N HIS B 209 31.19 9.01 6.93
CA HIS B 209 32.55 8.49 6.96
C HIS B 209 33.31 8.76 8.27
N ASP B 210 33.00 9.87 8.93
CA ASP B 210 33.65 10.24 10.20
C ASP B 210 33.19 9.39 11.39
N HIS B 211 32.02 8.77 11.29
CA HIS B 211 31.37 8.15 12.44
C HIS B 211 31.05 6.66 12.28
N VAL B 212 31.45 6.06 11.15
CA VAL B 212 31.14 4.65 10.86
C VAL B 212 32.30 4.04 10.11
N ASN B 213 32.77 2.87 10.58
CA ASN B 213 33.79 2.10 9.85
C ASN B 213 33.18 0.82 9.22
N PRO B 214 33.71 0.40 8.04
CA PRO B 214 33.14 -0.76 7.31
C PRO B 214 33.04 -2.07 8.08
N LYS B 215 34.11 -2.44 8.77
CA LYS B 215 34.17 -3.72 9.50
C LYS B 215 33.10 -3.79 10.57
N ALA B 216 33.01 -2.75 11.39
CA ALA B 216 32.02 -2.66 12.47
C ALA B 216 30.56 -2.69 11.97
N PHE B 217 30.28 -2.02 10.85
CA PHE B 217 28.93 -2.01 10.29
C PHE B 217 28.53 -3.38 9.71
N PHE B 218 29.40 -3.93 8.88
CA PHE B 218 29.12 -5.17 8.20
C PHE B 218 29.04 -6.33 9.16
N SER B 219 30.03 -6.45 10.04
CA SER B 219 30.17 -7.60 10.91
C SER B 219 29.28 -7.54 12.17
N VAL B 220 28.86 -6.34 12.58
CA VAL B 220 28.12 -6.15 13.83
C VAL B 220 26.76 -5.49 13.63
N LEU B 221 26.75 -4.20 13.28
CA LEU B 221 25.47 -3.48 13.27
C LEU B 221 24.42 -4.05 12.31
N ARG B 222 24.85 -4.43 11.12
CA ARG B 222 23.98 -5.06 10.12
C ARG B 222 23.27 -6.34 10.65
N ILE B 223 23.95 -7.09 11.51
CA ILE B 223 23.39 -8.28 12.17
C ILE B 223 22.14 -7.89 12.98
N TYR B 224 22.31 -6.91 13.86
CA TYR B 224 21.24 -6.48 14.76
C TYR B 224 20.08 -5.76 14.10
N LEU B 225 20.30 -5.23 12.90
CA LEU B 225 19.24 -4.62 12.13
C LEU B 225 18.49 -5.61 11.25
N SER B 226 18.99 -6.84 11.13
CA SER B 226 18.38 -7.86 10.27
C SER B 226 17.01 -8.29 10.77
N GLY B 227 16.13 -8.59 9.81
CA GLY B 227 14.77 -9.00 10.07
C GLY B 227 14.62 -10.50 9.97
N TRP B 228 13.38 -10.91 9.87
CA TRP B 228 13.05 -12.31 9.71
C TRP B 228 11.97 -12.42 8.67
N LYS B 229 12.36 -12.04 7.45
CA LYS B 229 11.53 -12.19 6.28
C LYS B 229 12.42 -12.66 5.14
N GLY B 230 12.16 -13.86 4.63
CA GLY B 230 13.05 -14.49 3.65
C GLY B 230 14.46 -14.64 4.18
N ASN B 231 14.56 -14.98 5.46
CA ASN B 231 15.85 -15.12 6.14
C ASN B 231 16.04 -16.58 6.53
N PRO B 232 16.99 -17.31 5.89
CA PRO B 232 17.21 -18.75 6.16
C PRO B 232 17.33 -19.17 7.63
N GLN B 233 17.89 -18.32 8.48
CA GLN B 233 18.08 -18.67 9.90
C GLN B 233 16.84 -18.45 10.80
N LEU B 234 15.83 -17.71 10.30
CA LEU B 234 14.47 -17.71 10.88
C LEU B 234 13.47 -17.83 9.71
N SER B 235 13.57 -18.94 8.97
N SER B 235 13.58 -18.95 9.00
CA SER B 235 12.88 -19.09 7.69
CA SER B 235 12.89 -19.19 7.73
C SER B 235 11.35 -19.00 7.77
C SER B 235 11.37 -19.00 7.79
N ASP B 236 10.78 -19.38 8.92
CA ASP B 236 9.33 -19.24 9.14
C ASP B 236 8.91 -17.91 9.80
N GLY B 237 9.87 -17.14 10.32
CA GLY B 237 9.59 -15.89 11.05
C GLY B 237 9.79 -16.09 12.53
N LEU B 238 9.24 -15.18 13.33
CA LEU B 238 9.40 -15.17 14.80
C LEU B 238 8.07 -15.45 15.50
N VAL B 239 8.08 -16.29 16.53
CA VAL B 239 6.90 -16.50 17.35
C VAL B 239 6.81 -15.38 18.36
N TYR B 240 5.69 -14.66 18.33
CA TYR B 240 5.36 -13.66 19.35
C TYR B 240 4.44 -14.34 20.37
N GLU B 241 5.07 -14.93 21.38
CA GLU B 241 4.41 -15.78 22.38
C GLU B 241 3.36 -15.00 23.15
N GLY B 242 2.17 -15.57 23.25
CA GLY B 242 1.05 -14.91 23.91
C GLY B 242 0.24 -13.95 23.08
N PHE B 243 0.69 -13.64 21.85
CA PHE B 243 -0.01 -12.68 21.00
C PHE B 243 -0.53 -13.31 19.72
N TRP B 244 0.38 -13.88 18.93
CA TRP B 244 0.00 -14.69 17.77
C TRP B 244 0.48 -16.08 18.00
N GLU B 245 -0.23 -17.02 17.41
CA GLU B 245 0.08 -18.43 17.53
C GLU B 245 1.09 -18.94 16.53
N ASP B 246 1.07 -18.36 15.33
CA ASP B 246 2.00 -18.72 14.26
C ASP B 246 3.15 -17.74 14.19
N PRO B 247 4.33 -18.21 13.76
CA PRO B 247 5.40 -17.27 13.52
C PRO B 247 5.04 -16.26 12.41
N LYS B 248 5.49 -15.02 12.59
CA LYS B 248 5.27 -13.93 11.64
C LYS B 248 6.59 -13.44 11.12
N GLU B 249 6.57 -13.07 9.84
CA GLU B 249 7.72 -12.51 9.14
C GLU B 249 7.61 -11.00 9.04
N PHE B 250 8.72 -10.32 9.34
CA PHE B 250 8.83 -8.86 9.20
C PHE B 250 10.24 -8.52 8.68
N ALA B 251 10.31 -7.64 7.69
CA ALA B 251 11.60 -7.16 7.19
C ALA B 251 12.40 -6.36 8.23
N GLY B 252 13.72 -6.38 8.05
CA GLY B 252 14.65 -5.64 8.91
C GLY B 252 14.73 -4.17 8.55
N GLY B 253 15.42 -3.40 9.38
CA GLY B 253 15.59 -1.96 9.20
C GLY B 253 16.20 -1.62 7.84
N SER B 254 15.68 -0.59 7.20
CA SER B 254 16.08 -0.19 5.85
C SER B 254 15.91 1.31 5.68
N ALA B 255 16.75 1.92 4.85
CA ALA B 255 16.59 3.32 4.43
C ALA B 255 15.31 3.51 3.65
N GLY B 256 14.85 2.45 2.96
CA GLY B 256 13.52 2.46 2.33
C GLY B 256 12.33 2.66 3.27
N GLN B 257 12.53 2.49 4.57
CA GLN B 257 11.49 2.85 5.54
C GLN B 257 11.43 4.35 5.84
N SER B 258 12.43 5.12 5.42
CA SER B 258 12.38 6.57 5.59
C SER B 258 11.32 7.16 4.68
N SER B 259 10.46 8.02 5.20
CA SER B 259 9.51 8.73 4.37
C SER B 259 10.16 9.74 3.41
N VAL B 260 11.35 10.25 3.75
CA VAL B 260 12.11 11.15 2.90
C VAL B 260 12.60 10.38 1.69
N PHE B 261 13.02 9.14 1.92
CA PHE B 261 13.43 8.23 0.84
C PHE B 261 12.40 8.14 -0.29
N GLN B 262 11.11 8.33 0.05
CA GLN B 262 10.01 8.22 -0.91
C GLN B 262 9.25 9.50 -1.23
N CYS B 263 9.19 10.47 -0.32
CA CYS B 263 8.25 11.57 -0.51
C CYS B 263 8.59 12.51 -1.66
N PHE B 264 9.87 12.66 -1.97
CA PHE B 264 10.27 13.53 -3.06
C PHE B 264 10.10 12.84 -4.41
N ASP B 265 10.25 11.53 -4.44
CA ASP B 265 9.89 10.76 -5.62
C ASP B 265 8.41 10.87 -5.96
N VAL B 266 7.57 10.82 -4.93
CA VAL B 266 6.13 11.05 -5.11
C VAL B 266 5.84 12.48 -5.55
N LEU B 267 6.42 13.45 -4.85
CA LEU B 267 6.21 14.85 -5.18
C LEU B 267 6.50 15.11 -6.65
N LEU B 268 7.65 14.61 -7.10
CA LEU B 268 8.15 14.86 -8.45
C LEU B 268 7.62 13.92 -9.52
N GLY B 269 6.76 12.97 -9.18
CA GLY B 269 6.19 12.03 -10.16
C GLY B 269 7.22 11.05 -10.67
N ILE B 270 8.25 10.78 -9.88
CA ILE B 270 9.23 9.76 -10.19
C ILE B 270 8.54 8.50 -9.69
N GLN B 271 7.97 7.73 -10.60
CA GLN B 271 7.05 6.66 -10.22
C GLN B 271 7.83 5.44 -9.75
N GLN B 272 8.40 5.54 -8.55
CA GLN B 272 9.21 4.48 -7.96
C GLN B 272 8.38 3.25 -7.63
N THR B 273 7.17 3.48 -7.09
CA THR B 273 6.20 2.44 -6.72
C THR B 273 5.20 2.01 -7.83
N ALA B 274 5.36 2.51 -9.05
CA ALA B 274 4.48 2.11 -10.17
C ALA B 274 4.93 0.79 -10.78
N GLY B 275 3.98 0.05 -11.34
CA GLY B 275 4.22 -1.29 -11.88
C GLY B 275 4.48 -2.33 -10.80
N GLY B 276 4.55 -3.59 -11.21
CA GLY B 276 4.75 -4.72 -10.30
C GLY B 276 6.18 -5.25 -10.17
N GLY B 277 7.17 -4.37 -10.32
CA GLY B 277 8.58 -4.73 -10.20
C GLY B 277 9.03 -4.79 -8.76
N HIS B 278 10.15 -5.48 -8.52
CA HIS B 278 10.64 -5.75 -7.18
C HIS B 278 10.86 -4.46 -6.36
N ALA B 279 11.55 -3.48 -6.93
CA ALA B 279 11.88 -2.22 -6.22
C ALA B 279 10.63 -1.42 -5.86
N ALA B 280 9.69 -1.37 -6.80
CA ALA B 280 8.39 -0.71 -6.60
C ALA B 280 7.60 -1.35 -5.47
N GLN B 281 7.54 -2.67 -5.51
CA GLN B 281 6.90 -3.48 -4.50
C GLN B 281 7.53 -3.27 -3.13
N PHE B 282 8.86 -3.32 -3.07
CA PHE B 282 9.57 -3.15 -1.81
C PHE B 282 9.27 -1.78 -1.20
N LEU B 283 9.29 -0.75 -2.03
CA LEU B 283 8.97 0.60 -1.55
C LEU B 283 7.54 0.75 -1.04
N GLN B 284 6.57 0.14 -1.72
N GLN B 284 6.58 0.13 -1.75
CA GLN B 284 5.20 0.17 -1.25
CA GLN B 284 5.19 0.11 -1.31
C GLN B 284 5.09 -0.58 0.07
C GLN B 284 5.09 -0.58 0.05
N ASP B 285 5.62 -1.81 0.11
CA ASP B 285 5.66 -2.60 1.36
C ASP B 285 6.24 -1.86 2.56
N MET B 286 7.30 -1.08 2.34
CA MET B 286 7.95 -0.35 3.44
C MET B 286 7.11 0.79 4.00
N ARG B 287 6.07 1.21 3.29
CA ARG B 287 5.09 2.16 3.83
C ARG B 287 4.41 1.68 5.09
N ARG B 288 4.23 0.36 5.19
CA ARG B 288 3.63 -0.25 6.38
C ARG B 288 4.62 -0.41 7.55
N TYR B 289 5.88 -0.06 7.32
CA TYR B 289 6.88 0.02 8.38
C TYR B 289 7.13 1.45 8.81
N MET B 290 6.33 2.39 8.28
CA MET B 290 6.42 3.79 8.66
C MET B 290 5.31 4.07 9.63
N PRO B 291 5.47 5.10 10.48
CA PRO B 291 4.30 5.50 11.27
C PRO B 291 3.12 5.87 10.36
N PRO B 292 1.88 5.60 10.81
CA PRO B 292 0.70 5.78 9.93
C PRO B 292 0.51 7.18 9.39
N ALA B 293 0.79 8.19 10.22
CA ALA B 293 0.70 9.58 9.79
C ALA B 293 1.60 9.88 8.59
N HIS B 294 2.76 9.26 8.60
CA HIS B 294 3.77 9.44 7.54
C HIS B 294 3.41 8.68 6.27
N ARG B 295 2.88 7.48 6.43
CA ARG B 295 2.27 6.71 5.35
C ARG B 295 1.09 7.46 4.71
N ASN B 296 0.29 8.09 5.56
CA ASN B 296 -0.82 8.93 5.14
C ASN B 296 -0.40 10.17 4.39
N PHE B 297 0.73 10.75 4.79
CA PHE B 297 1.32 11.85 4.05
C PHE B 297 1.72 11.46 2.62
N LEU B 298 2.42 10.35 2.47
CA LEU B 298 2.85 9.92 1.12
C LEU B 298 1.66 9.68 0.21
N CYS B 299 0.69 9.06 0.80
CA CYS B 299 -0.59 8.77 0.23
C CYS B 299 -1.34 10.04 -0.24
N SER B 300 -1.37 11.05 0.63
CA SER B 300 -2.03 12.31 0.31
C SER B 300 -1.28 13.10 -0.75
N LEU B 301 0.05 12.93 -0.84
CA LEU B 301 0.82 13.50 -1.96
C LEU B 301 0.39 12.93 -3.29
N GLU B 302 0.25 11.60 -3.36
CA GLU B 302 -0.27 10.95 -4.57
C GLU B 302 -1.67 11.39 -4.98
N SER B 303 -2.49 11.82 -4.01
CA SER B 303 -3.84 12.34 -4.30
C SER B 303 -3.87 13.70 -4.95
N ASN B 304 -2.78 14.46 -4.84
CA ASN B 304 -2.69 15.78 -5.45
C ASN B 304 -2.27 15.69 -6.91
N PRO B 305 -2.56 16.74 -7.71
CA PRO B 305 -2.16 16.69 -9.12
C PRO B 305 -0.66 16.63 -9.29
N SER B 306 -0.23 16.14 -10.45
CA SER B 306 1.17 15.81 -10.70
C SER B 306 1.97 17.09 -10.95
N VAL B 307 3.06 17.27 -10.20
CA VAL B 307 3.99 18.37 -10.42
C VAL B 307 4.69 18.20 -11.77
N ARG B 308 5.10 16.97 -12.06
CA ARG B 308 5.74 16.62 -13.32
C ARG B 308 4.89 16.97 -14.54
N GLU B 309 3.61 16.60 -14.53
CA GLU B 309 2.73 16.92 -15.66
C GLU B 309 2.48 18.43 -15.81
N PHE B 310 2.31 19.12 -14.68
CA PHE B 310 2.19 20.57 -14.69
C PHE B 310 3.40 21.20 -15.35
N VAL B 311 4.59 20.78 -14.93
CA VAL B 311 5.84 21.30 -15.53
C VAL B 311 5.98 20.89 -16.99
N LEU B 312 5.70 19.64 -17.30
CA LEU B 312 5.75 19.16 -18.69
C LEU B 312 4.82 19.90 -19.66
N SER B 313 3.72 20.44 -19.17
CA SER B 313 2.70 21.04 -20.05
C SER B 313 2.95 22.51 -20.39
N LYS B 314 3.93 23.17 -19.76
CA LYS B 314 4.03 24.64 -19.80
C LYS B 314 4.90 25.27 -20.88
N GLY B 315 5.84 24.50 -21.43
CA GLY B 315 6.78 25.01 -22.45
C GLY B 315 7.64 26.14 -21.88
N ASP B 316 8.16 25.90 -20.69
CA ASP B 316 8.77 26.90 -19.83
C ASP B 316 10.11 26.32 -19.32
N ALA B 317 11.20 26.71 -19.98
CA ALA B 317 12.54 26.19 -19.71
C ALA B 317 13.01 26.42 -18.25
N GLY B 318 12.73 27.61 -17.72
CA GLY B 318 12.98 27.94 -16.31
C GLY B 318 12.33 26.98 -15.32
N LEU B 319 11.04 26.68 -15.52
CA LEU B 319 10.36 25.70 -14.67
C LEU B 319 10.92 24.30 -14.83
N ARG B 320 11.26 23.93 -16.08
CA ARG B 320 11.84 22.61 -16.35
C ARG B 320 13.19 22.47 -15.65
N GLU B 321 14.00 23.52 -15.73
CA GLU B 321 15.30 23.54 -15.06
C GLU B 321 15.18 23.44 -13.56
N ALA B 322 14.24 24.16 -12.96
CA ALA B 322 14.06 24.08 -11.50
C ALA B 322 13.57 22.69 -11.06
N TYR B 323 12.63 22.10 -11.81
CA TYR B 323 12.19 20.70 -11.61
C TYR B 323 13.37 19.72 -11.71
N ASP B 324 14.12 19.84 -12.80
CA ASP B 324 15.35 19.03 -13.00
C ASP B 324 16.41 19.20 -11.93
N ALA B 325 16.56 20.39 -11.37
CA ALA B 325 17.44 20.59 -10.23
C ALA B 325 17.05 19.71 -9.03
N CYS B 326 15.75 19.60 -8.76
CA CYS B 326 15.25 18.71 -7.70
C CYS B 326 15.57 17.23 -8.00
N VAL B 327 15.27 16.81 -9.23
CA VAL B 327 15.60 15.45 -9.70
C VAL B 327 17.11 15.16 -9.63
N LYS B 328 17.94 16.07 -10.14
CA LYS B 328 19.40 15.90 -10.10
C LYS B 328 19.89 15.74 -8.65
N ALA B 329 19.33 16.53 -7.75
CA ALA B 329 19.66 16.44 -6.34
C ALA B 329 19.35 15.04 -5.78
N LEU B 330 18.23 14.46 -6.21
CA LEU B 330 17.86 13.12 -5.84
C LEU B 330 18.77 12.06 -6.44
N VAL B 331 19.13 12.25 -7.70
CA VAL B 331 20.13 11.38 -8.34
C VAL B 331 21.44 11.39 -7.55
N SER B 332 21.90 12.57 -7.17
CA SER B 332 23.13 12.70 -6.38
C SER B 332 23.06 11.94 -5.04
N LEU B 333 21.93 12.05 -4.35
CA LEU B 333 21.70 11.33 -3.11
C LEU B 333 21.66 9.81 -3.27
N ARG B 334 21.02 9.34 -4.34
CA ARG B 334 21.04 7.90 -4.64
C ARG B 334 22.44 7.41 -4.96
N SER B 335 23.17 8.17 -5.77
CA SER B 335 24.54 7.80 -6.14
C SER B 335 25.43 7.71 -4.93
N TYR B 336 25.31 8.69 -4.03
CA TYR B 336 26.09 8.69 -2.81
C TYR B 336 25.74 7.48 -1.94
N HIS B 337 24.45 7.19 -1.85
CA HIS B 337 23.99 6.00 -1.17
C HIS B 337 24.59 4.71 -1.73
N LEU B 338 24.64 4.58 -3.05
CA LEU B 338 25.34 3.44 -3.67
C LEU B 338 26.83 3.34 -3.29
N GLN B 339 27.53 4.47 -3.24
CA GLN B 339 28.92 4.51 -2.73
C GLN B 339 29.04 4.05 -1.27
N ILE B 340 28.09 4.48 -0.43
CA ILE B 340 28.05 4.06 0.97
C ILE B 340 27.85 2.55 1.04
N VAL B 341 26.98 2.00 0.20
CA VAL B 341 26.73 0.56 0.22
C VAL B 341 27.95 -0.24 -0.25
N THR B 342 28.63 0.27 -1.26
CA THR B 342 29.85 -0.34 -1.74
C THR B 342 30.91 -0.40 -0.64
N LYS B 343 31.08 0.71 0.06
CA LYS B 343 32.13 0.85 1.06
C LYS B 343 31.80 0.06 2.32
N TYR B 344 30.57 0.19 2.79
CA TYR B 344 30.17 -0.41 4.05
C TYR B 344 29.60 -1.83 3.96
N ILE B 345 29.29 -2.31 2.75
CA ILE B 345 28.75 -3.68 2.61
C ILE B 345 29.48 -4.52 1.57
N LEU B 346 29.58 -4.06 0.33
CA LEU B 346 30.16 -4.90 -0.75
C LEU B 346 31.60 -5.32 -0.51
N ILE B 347 32.45 -4.35 -0.16
CA ILE B 347 33.87 -4.63 0.06
C ILE B 347 34.10 -5.56 1.26
N PRO B 348 33.50 -5.25 2.43
CA PRO B 348 33.60 -6.18 3.58
C PRO B 348 33.10 -7.60 3.26
N ALA B 349 31.97 -7.70 2.56
CA ALA B 349 31.43 -8.99 2.09
C ALA B 349 32.38 -9.79 1.21
N SER B 350 33.06 -9.09 0.29
CA SER B 350 34.05 -9.72 -0.61
C SER B 350 35.35 -10.13 0.10
N GLN B 351 35.65 -9.51 1.25
CA GLN B 351 36.82 -9.86 2.08
C GLN B 351 36.47 -10.89 3.18
N GLN B 352 36.13 -12.11 2.76
CA GLN B 352 35.77 -13.21 3.68
C GLN B 352 36.13 -14.56 3.07
N GLY B 371 22.32 -10.40 0.84
CA GLY B 371 21.72 -9.43 -0.06
C GLY B 371 22.43 -8.08 -0.08
N GLY B 372 23.75 -8.13 -0.23
CA GLY B 372 24.58 -6.92 -0.42
C GLY B 372 24.51 -6.44 -1.86
N THR B 373 24.64 -7.38 -2.79
CA THR B 373 24.41 -7.14 -4.22
C THR B 373 22.94 -6.83 -4.52
N ASP B 374 22.02 -7.48 -3.79
CA ASP B 374 20.57 -7.19 -3.88
C ASP B 374 20.24 -5.75 -3.52
N LEU B 375 20.77 -5.28 -2.40
CA LEU B 375 20.64 -3.88 -2.00
C LEU B 375 21.24 -2.95 -3.07
N MET B 376 22.43 -3.31 -3.58
CA MET B 376 23.04 -2.54 -4.69
C MET B 376 22.11 -2.46 -5.91
N ASN B 377 21.58 -3.61 -6.32
CA ASN B 377 20.66 -3.65 -7.47
C ASN B 377 19.39 -2.83 -7.21
N PHE B 378 18.78 -3.04 -6.05
CA PHE B 378 17.65 -2.20 -5.62
C PHE B 378 17.96 -0.70 -5.77
N LEU B 379 19.12 -0.27 -5.26
CA LEU B 379 19.52 1.14 -5.33
C LEU B 379 19.90 1.60 -6.72
N LYS B 380 20.48 0.70 -7.52
CA LYS B 380 20.73 1.01 -8.93
C LYS B 380 19.43 1.30 -9.69
N THR B 381 18.38 0.53 -9.37
CA THR B 381 17.09 0.69 -10.03
C THR B 381 16.45 2.01 -9.63
N VAL B 382 16.49 2.32 -8.34
CA VAL B 382 15.94 3.56 -7.81
C VAL B 382 16.65 4.77 -8.43
N ARG B 383 17.99 4.72 -8.52
CA ARG B 383 18.79 5.76 -9.22
C ARG B 383 18.41 5.90 -10.69
N SER B 384 18.33 4.75 -11.37
CA SER B 384 17.98 4.69 -12.78
C SER B 384 16.63 5.36 -13.06
N THR B 385 15.63 4.99 -12.28
CA THR B 385 14.29 5.57 -12.38
C THR B 385 14.30 7.09 -12.16
N THR B 386 15.12 7.55 -11.21
CA THR B 386 15.26 8.97 -10.93
C THR B 386 15.92 9.71 -12.09
N GLU B 387 17.01 9.17 -12.58
CA GLU B 387 17.78 9.78 -13.64
C GLU B 387 16.94 9.85 -14.93
N LYS B 388 16.18 8.79 -15.19
CA LYS B 388 15.26 8.73 -16.34
C LYS B 388 14.10 9.75 -16.27
N SER B 389 13.80 10.28 -15.08
CA SER B 389 12.77 11.31 -14.91
C SER B 389 13.24 12.75 -15.15
N LEU B 390 14.53 12.92 -15.47
CA LEU B 390 15.07 14.19 -15.89
C LEU B 390 14.47 14.59 -17.25
N LEU B 391 14.06 15.85 -17.37
CA LEU B 391 13.47 16.36 -18.60
C LEU B 391 14.54 16.73 -19.64
N LYS B 392 15.68 17.21 -19.14
CA LYS B 392 16.87 17.49 -19.92
C LYS B 392 18.00 16.68 -19.28
N GLU B 393 18.92 16.18 -20.09
CA GLU B 393 20.01 15.32 -19.58
C GLU B 393 21.02 16.15 -18.76
#